data_4QAV
#
_entry.id   4QAV
#
_cell.length_a   153.489
_cell.length_b   153.489
_cell.length_c   66.470
_cell.angle_alpha   90.00
_cell.angle_beta   90.00
_cell.angle_gamma   120.00
#
_symmetry.space_group_name_H-M   'P 65'
#
loop_
_entity.id
_entity.type
_entity.pdbx_description
1 polymer '3-oxoacyl-[acyl-carrier-protein] synthase 2'
2 non-polymer 'POTASSIUM ION'
3 non-polymer 'FORMIC ACID'
4 water water
#
_entity_poly.entity_id   1
_entity_poly.type   'polypeptide(L)'
_entity_poly.pdbx_seq_one_letter_code
;MSQRRVVITGLGQVSPVGNTVAEAWDTLLAGKSGIGAITRFDASDINSRVAGEVRGFDIGQYISAKEARRMDVFIHYGIA
AALQAIADSGLDDVENLDKDRIGVNIGSGIGGLPSIEVTGKAVIEGGARKINPFFIPGSLINLISGHVTILKGYRGPSYG
MVSACTTGAHAIGNSARLIKYGDADIMVAGGAEGAISTLGVGGFAAMKALSTRNDDPATASRPWDKGRDGFVIGEGAGIL
VLEELEHAKKRGAKIYAEIVGFGMSSDAYHITAPNEEGPALAVTRALKDAGINPEDVDYVNAHGTSTPLGDANETKALKR
AFGEHAYKTVVSSTKSMTGHLLGAAGGVEAVYSILAIHDGKIPPTINIFEQDVEAGCDLDYCANEARDAEIDVAISNSFG
FGGTNGTLVFKRFKG
;
_entity_poly.pdbx_strand_id   A,B
#
loop_
_chem_comp.id
_chem_comp.type
_chem_comp.name
_chem_comp.formula
FMT non-polymer 'FORMIC ACID' 'C H2 O2'
K non-polymer 'POTASSIUM ION' 'K 1'
#
# COMPACT_ATOMS: atom_id res chain seq x y z
N GLN A 3 -16.70 -20.25 -3.72
CA GLN A 3 -17.69 -20.60 -2.72
C GLN A 3 -18.33 -19.36 -2.10
N ARG A 4 -17.56 -18.65 -1.29
CA ARG A 4 -18.07 -17.45 -0.62
C ARG A 4 -18.31 -16.32 -1.60
N ARG A 5 -19.45 -15.65 -1.48
CA ARG A 5 -19.78 -14.53 -2.34
C ARG A 5 -19.69 -13.21 -1.58
N VAL A 6 -19.28 -12.16 -2.27
CA VAL A 6 -19.08 -10.86 -1.64
C VAL A 6 -20.00 -9.80 -2.24
N VAL A 7 -20.82 -9.19 -1.40
CA VAL A 7 -21.72 -8.14 -1.84
C VAL A 7 -21.36 -6.80 -1.17
N ILE A 8 -21.93 -5.72 -1.69
CA ILE A 8 -21.69 -4.38 -1.16
C ILE A 8 -22.89 -3.91 -0.37
N THR A 9 -22.69 -3.57 0.90
CA THR A 9 -23.80 -3.17 1.77
C THR A 9 -23.69 -1.74 2.27
N GLY A 10 -22.63 -1.05 1.87
CA GLY A 10 -22.42 0.32 2.32
C GLY A 10 -21.61 1.18 1.36
N LEU A 11 -21.99 2.44 1.23
CA LEU A 11 -21.29 3.38 0.36
C LEU A 11 -20.90 4.65 1.11
N GLY A 12 -19.71 5.15 0.80
CA GLY A 12 -19.16 6.31 1.48
C GLY A 12 -18.38 7.14 0.46
N GLN A 13 -18.61 8.44 0.46
CA GLN A 13 -17.97 9.30 -0.50
C GLN A 13 -17.82 10.74 -0.05
N VAL A 14 -16.64 11.29 -0.30
CA VAL A 14 -16.38 12.72 -0.16
C VAL A 14 -15.52 13.14 -1.35
N SER A 15 -15.98 14.14 -2.10
CA SER A 15 -15.38 14.41 -3.41
C SER A 15 -15.75 15.82 -3.92
N PRO A 16 -15.18 16.25 -5.06
CA PRO A 16 -15.53 17.56 -5.60
C PRO A 16 -16.98 17.71 -6.07
N VAL A 17 -17.73 16.61 -6.17
CA VAL A 17 -19.12 16.69 -6.62
C VAL A 17 -20.11 16.46 -5.48
N GLY A 18 -19.62 16.32 -4.25
CA GLY A 18 -20.49 16.13 -3.12
C GLY A 18 -19.79 15.64 -1.86
N ASN A 19 -20.37 15.97 -0.70
CA ASN A 19 -19.81 15.56 0.58
C ASN A 19 -20.51 14.32 1.13
N THR A 20 -21.55 13.87 0.43
CA THR A 20 -22.20 12.60 0.73
C THR A 20 -22.43 11.84 -0.57
N VAL A 21 -22.87 10.59 -0.46
CA VAL A 21 -23.11 9.76 -1.65
C VAL A 21 -24.26 10.31 -2.48
N ALA A 22 -25.31 10.77 -1.80
CA ALA A 22 -26.50 11.29 -2.47
C ALA A 22 -26.21 12.60 -3.21
N GLU A 23 -25.50 13.50 -2.56
CA GLU A 23 -25.12 14.78 -3.19
C GLU A 23 -24.36 14.55 -4.49
N ALA A 24 -23.42 13.61 -4.44
CA ALA A 24 -22.54 13.30 -5.56
C ALA A 24 -23.32 12.72 -6.73
N TRP A 25 -24.13 11.72 -6.44
CA TRP A 25 -24.93 11.05 -7.46
C TRP A 25 -25.82 12.05 -8.21
N ASP A 26 -26.56 12.86 -7.46
CA ASP A 26 -27.38 13.92 -8.03
C ASP A 26 -26.55 14.87 -8.89
N THR A 27 -25.36 15.25 -8.40
CA THR A 27 -24.48 16.13 -9.15
C THR A 27 -24.02 15.50 -10.46
N LEU A 28 -23.60 14.24 -10.37
CA LEU A 28 -23.13 13.51 -11.54
C LEU A 28 -24.23 13.32 -12.59
N LEU A 29 -25.43 13.00 -12.13
CA LEU A 29 -26.54 12.76 -13.04
C LEU A 29 -27.04 14.05 -13.70
N ALA A 30 -26.75 15.19 -13.07
CA ALA A 30 -27.14 16.48 -13.61
C ALA A 30 -26.08 17.01 -14.56
N GLY A 31 -24.94 16.32 -14.62
CA GLY A 31 -23.86 16.70 -15.50
C GLY A 31 -23.13 17.95 -15.04
N LYS A 32 -23.15 18.18 -13.73
CA LYS A 32 -22.50 19.37 -13.16
C LYS A 32 -21.05 19.09 -12.80
N SER A 33 -20.18 20.05 -13.11
CA SER A 33 -18.75 19.92 -12.85
C SER A 33 -18.41 20.19 -11.40
N GLY A 34 -17.37 19.52 -10.92
CA GLY A 34 -16.86 19.77 -9.57
C GLY A 34 -15.51 20.45 -9.65
N ILE A 35 -15.16 20.92 -10.83
CA ILE A 35 -13.88 21.55 -11.07
C ILE A 35 -13.97 23.06 -11.01
N GLY A 36 -13.05 23.69 -10.28
CA GLY A 36 -12.97 25.14 -10.22
C GLY A 36 -11.53 25.58 -10.12
N ALA A 37 -11.33 26.89 -9.94
CA ALA A 37 -9.98 27.40 -9.71
C ALA A 37 -9.48 26.93 -8.36
N ILE A 38 -8.18 26.67 -8.27
CA ILE A 38 -7.57 26.24 -7.01
C ILE A 38 -7.68 27.35 -5.97
N THR A 39 -8.23 27.02 -4.80
CA THR A 39 -8.38 27.98 -3.72
C THR A 39 -7.57 27.55 -2.50
N ARG A 40 -7.13 26.33 -2.50
CA ARG A 40 -6.47 25.74 -1.40
C ARG A 40 -5.14 26.44 -1.09
N PHE A 41 -4.48 26.87 -2.12
CA PHE A 41 -3.21 27.53 -2.01
C PHE A 41 -2.98 28.36 -3.24
N ASP A 42 -2.02 29.25 -3.17
CA ASP A 42 -1.74 30.12 -4.29
C ASP A 42 -0.96 29.37 -5.35
N ALA A 43 -1.64 29.11 -6.44
CA ALA A 43 -1.11 28.29 -7.52
C ALA A 43 -0.69 29.07 -8.76
N SER A 44 -0.54 30.38 -8.60
CA SER A 44 -0.33 31.28 -9.72
C SER A 44 0.94 30.88 -10.47
N ASP A 45 1.89 30.35 -9.74
CA ASP A 45 3.10 29.85 -10.33
C ASP A 45 3.01 28.49 -11.07
N ILE A 46 1.91 27.72 -11.00
CA ILE A 46 1.87 26.40 -11.62
C ILE A 46 1.14 26.55 -12.94
N ASN A 47 1.54 25.77 -13.95
CA ASN A 47 0.96 25.93 -15.27
C ASN A 47 -0.48 25.43 -15.28
N SER A 48 -0.82 24.69 -14.23
CA SER A 48 -2.18 24.21 -14.02
C SER A 48 -2.71 24.79 -12.71
N ARG A 49 -3.82 25.52 -12.79
CA ARG A 49 -4.33 26.24 -11.64
C ARG A 49 -5.81 25.92 -11.40
N VAL A 50 -6.22 24.75 -11.87
CA VAL A 50 -7.57 24.26 -11.63
C VAL A 50 -7.51 22.90 -10.93
N ALA A 51 -8.56 22.57 -10.19
CA ALA A 51 -8.60 21.31 -9.47
C ALA A 51 -10.02 20.95 -9.06
N GLY A 52 -10.24 19.67 -8.81
CA GLY A 52 -11.45 19.22 -8.17
C GLY A 52 -11.23 19.28 -6.68
N GLU A 53 -11.82 20.28 -6.03
CA GLU A 53 -11.64 20.46 -4.60
C GLU A 53 -12.84 20.02 -3.80
N VAL A 54 -12.58 19.42 -2.64
CA VAL A 54 -13.63 19.16 -1.67
C VAL A 54 -14.03 20.48 -1.04
N ARG A 55 -15.33 20.76 -0.98
CA ARG A 55 -15.81 22.05 -0.52
C ARG A 55 -16.95 21.91 0.48
N GLY A 56 -16.99 22.78 1.48
CA GLY A 56 -18.04 22.78 2.48
C GLY A 56 -18.05 21.55 3.36
N PHE A 57 -16.90 20.92 3.51
CA PHE A 57 -16.78 19.67 4.25
C PHE A 57 -16.21 19.89 5.64
N ASP A 58 -16.92 19.41 6.65
CA ASP A 58 -16.51 19.56 8.04
C ASP A 58 -16.20 18.20 8.66
N ILE A 59 -14.91 17.92 8.82
CA ILE A 59 -14.45 16.67 9.42
C ILE A 59 -14.92 16.58 10.88
N GLY A 60 -15.17 17.74 11.48
CA GLY A 60 -15.62 17.81 12.87
C GLY A 60 -16.98 17.19 13.13
N GLN A 61 -17.71 16.92 12.07
CA GLN A 61 -18.96 16.23 12.13
C GLN A 61 -18.77 14.76 12.41
N TYR A 62 -17.59 14.25 12.17
CA TYR A 62 -17.30 12.82 12.21
C TYR A 62 -16.42 12.47 13.41
N ILE A 63 -15.37 13.25 13.62
CA ILE A 63 -14.49 13.07 14.77
C ILE A 63 -14.28 14.42 15.45
N SER A 64 -13.61 14.41 16.60
CA SER A 64 -13.35 15.64 17.33
C SER A 64 -12.42 16.55 16.54
N ALA A 65 -12.61 17.86 16.68
CA ALA A 65 -11.79 18.84 15.97
C ALA A 65 -10.35 18.77 16.43
N LYS A 66 -10.16 18.50 17.71
CA LYS A 66 -8.81 18.47 18.30
C LYS A 66 -7.97 17.33 17.70
N GLU A 67 -8.59 16.18 17.57
CA GLU A 67 -7.92 15.06 16.91
C GLU A 67 -7.76 15.23 15.40
N ALA A 68 -8.73 15.84 14.77
CA ALA A 68 -8.69 16.09 13.33
C ALA A 68 -7.52 17.00 12.98
N ARG A 69 -7.18 17.88 13.92
CA ARG A 69 -6.13 18.85 13.77
C ARG A 69 -4.81 18.14 13.53
N ARG A 70 -4.67 16.93 14.03
CA ARG A 70 -3.42 16.19 14.04
C ARG A 70 -3.27 15.27 12.82
N MET A 71 -4.18 15.41 11.85
CA MET A 71 -4.15 14.58 10.66
C MET A 71 -4.10 15.42 9.38
N ASP A 72 -3.43 14.92 8.36
CA ASP A 72 -3.47 15.55 7.04
C ASP A 72 -4.85 15.27 6.43
N VAL A 73 -5.25 16.08 5.44
CA VAL A 73 -6.63 16.04 4.98
C VAL A 73 -7.03 14.77 4.22
N PHE A 74 -6.07 14.00 3.72
CA PHE A 74 -6.41 12.79 3.00
C PHE A 74 -6.96 11.76 3.98
N ILE A 75 -6.54 11.86 5.23
CA ILE A 75 -7.05 10.99 6.29
C ILE A 75 -8.45 11.45 6.71
N HIS A 76 -8.69 12.76 6.70
CA HIS A 76 -10.03 13.31 6.91
C HIS A 76 -11.02 12.69 5.94
N TYR A 77 -10.67 12.70 4.67
CA TYR A 77 -11.53 12.21 3.61
C TYR A 77 -11.80 10.72 3.77
N GLY A 78 -10.74 9.96 4.04
CA GLY A 78 -10.85 8.53 4.23
C GLY A 78 -11.70 8.15 5.43
N ILE A 79 -11.45 8.78 6.57
CA ILE A 79 -12.21 8.52 7.78
C ILE A 79 -13.69 8.85 7.60
N ALA A 80 -13.96 10.01 7.00
CA ALA A 80 -15.32 10.47 6.80
C ALA A 80 -16.11 9.53 5.88
N ALA A 81 -15.51 9.18 4.75
CA ALA A 81 -16.16 8.30 3.78
C ALA A 81 -16.35 6.90 4.36
N ALA A 82 -15.42 6.48 5.22
CA ALA A 82 -15.51 5.18 5.86
C ALA A 82 -16.68 5.15 6.84
N LEU A 83 -16.79 6.17 7.68
CA LEU A 83 -17.86 6.24 8.66
C LEU A 83 -19.23 6.32 7.96
N GLN A 84 -19.28 7.04 6.85
CA GLN A 84 -20.47 7.08 6.01
C GLN A 84 -20.91 5.69 5.59
N ALA A 85 -19.99 4.96 4.99
CA ALA A 85 -20.25 3.62 4.48
C ALA A 85 -20.66 2.67 5.60
N ILE A 86 -20.03 2.83 6.75
CA ILE A 86 -20.33 1.97 7.90
C ILE A 86 -21.71 2.30 8.47
N ALA A 87 -22.02 3.59 8.56
CA ALA A 87 -23.35 4.01 9.00
C ALA A 87 -24.40 3.53 8.01
N ASP A 88 -24.06 3.63 6.72
CA ASP A 88 -24.97 3.26 5.65
C ASP A 88 -25.31 1.76 5.66
N SER A 89 -24.33 0.95 6.06
CA SER A 89 -24.51 -0.50 6.07
C SER A 89 -25.31 -0.96 7.28
N GLY A 90 -25.40 -0.10 8.29
CA GLY A 90 -26.17 -0.40 9.48
C GLY A 90 -25.42 -1.23 10.50
N LEU A 91 -24.11 -1.37 10.31
CA LEU A 91 -23.28 -2.19 11.18
C LEU A 91 -23.16 -1.63 12.60
N ASP A 92 -23.34 -0.32 12.73
CA ASP A 92 -23.27 0.33 14.04
C ASP A 92 -24.47 -0.04 14.93
N ASP A 93 -25.47 -0.67 14.34
CA ASP A 93 -26.69 -1.00 15.06
C ASP A 93 -26.90 -2.51 15.21
N VAL A 94 -25.91 -3.29 14.81
CA VAL A 94 -25.99 -4.74 14.96
C VAL A 94 -25.57 -5.17 16.36
N GLU A 95 -26.46 -5.86 17.06
CA GLU A 95 -26.15 -6.37 18.39
C GLU A 95 -25.22 -7.58 18.29
N ASN A 96 -24.20 -7.60 19.15
CA ASN A 96 -23.21 -8.67 19.18
C ASN A 96 -22.54 -8.88 17.82
N LEU A 97 -22.22 -7.78 17.16
CA LEU A 97 -21.42 -7.82 15.94
C LEU A 97 -20.05 -8.38 16.26
N ASP A 98 -19.59 -9.34 15.45
CA ASP A 98 -18.27 -9.92 15.65
C ASP A 98 -17.21 -9.02 15.01
N LYS A 99 -16.72 -8.07 15.80
CA LYS A 99 -15.79 -7.07 15.30
C LYS A 99 -14.41 -7.65 15.00
N ASP A 100 -14.14 -8.86 15.50
CA ASP A 100 -12.88 -9.54 15.22
C ASP A 100 -12.80 -10.01 13.77
N ARG A 101 -13.96 -10.08 13.12
CA ARG A 101 -14.04 -10.55 11.74
C ARG A 101 -14.23 -9.39 10.76
N ILE A 102 -13.95 -8.18 11.22
CA ILE A 102 -14.09 -7.00 10.38
C ILE A 102 -12.76 -6.27 10.23
N GLY A 103 -12.36 -6.00 8.99
CA GLY A 103 -11.11 -5.34 8.74
C GLY A 103 -11.25 -4.11 7.86
N VAL A 104 -10.16 -3.36 7.74
CA VAL A 104 -10.16 -2.12 6.97
C VAL A 104 -8.96 -2.05 6.02
N ASN A 105 -9.22 -1.81 4.74
CA ASN A 105 -8.16 -1.68 3.75
C ASN A 105 -8.37 -0.45 2.87
N ILE A 106 -7.82 0.68 3.31
CA ILE A 106 -7.96 1.93 2.59
C ILE A 106 -6.59 2.47 2.18
N GLY A 107 -6.42 2.73 0.88
CA GLY A 107 -5.14 3.16 0.38
C GLY A 107 -5.10 4.62 -0.04
N SER A 108 -3.92 5.06 -0.43
CA SER A 108 -3.70 6.39 -0.96
C SER A 108 -2.53 6.35 -1.93
N GLY A 109 -2.58 7.18 -2.96
CA GLY A 109 -1.50 7.21 -3.94
C GLY A 109 -0.26 7.91 -3.41
N ILE A 110 -0.47 9.00 -2.69
CA ILE A 110 0.63 9.89 -2.31
C ILE A 110 0.68 10.15 -0.81
N GLY A 111 -0.48 10.18 -0.16
CA GLY A 111 -0.53 10.36 1.27
C GLY A 111 -0.39 11.79 1.73
N GLY A 112 0.33 11.99 2.83
CA GLY A 112 0.36 13.29 3.51
C GLY A 112 1.31 14.33 2.97
N LEU A 113 1.31 14.52 1.65
CA LEU A 113 2.17 15.52 1.02
C LEU A 113 1.99 16.96 1.53
N PRO A 114 0.73 17.42 1.73
CA PRO A 114 0.60 18.79 2.25
C PRO A 114 1.22 19.02 3.63
N SER A 115 1.06 18.07 4.55
CA SER A 115 1.60 18.24 5.90
C SER A 115 3.11 18.12 5.89
N ILE A 116 3.64 17.29 4.98
CA ILE A 116 5.09 17.15 4.84
C ILE A 116 5.68 18.46 4.34
N GLU A 117 4.96 19.14 3.45
CA GLU A 117 5.40 20.44 2.96
C GLU A 117 5.36 21.49 4.06
N VAL A 118 4.28 21.49 4.83
CA VAL A 118 4.12 22.45 5.94
C VAL A 118 5.20 22.24 7.00
N THR A 119 5.42 21.00 7.40
CA THR A 119 6.42 20.67 8.40
C THR A 119 7.82 21.02 7.90
N GLY A 120 8.05 20.77 6.61
CA GLY A 120 9.32 21.09 6.00
C GLY A 120 9.65 22.57 6.06
N LYS A 121 8.65 23.40 5.75
CA LYS A 121 8.80 24.85 5.84
C LYS A 121 9.08 25.27 7.28
N ALA A 122 8.42 24.60 8.23
CA ALA A 122 8.62 24.88 9.64
C ALA A 122 10.05 24.58 10.08
N VAL A 123 10.60 23.48 9.58
CA VAL A 123 11.94 23.06 9.95
C VAL A 123 13.01 23.99 9.36
N ILE A 124 12.81 24.42 8.12
CA ILE A 124 13.72 25.37 7.49
C ILE A 124 13.78 26.66 8.30
N GLU A 125 12.61 27.13 8.72
CA GLU A 125 12.49 28.41 9.41
C GLU A 125 12.84 28.32 10.89
N GLY A 126 12.62 27.15 11.49
CA GLY A 126 12.75 27.02 12.92
C GLY A 126 13.62 25.89 13.44
N GLY A 127 13.95 24.93 12.60
CA GLY A 127 14.76 23.80 13.01
C GLY A 127 13.92 22.57 13.28
N ALA A 128 14.59 21.48 13.59
CA ALA A 128 14.00 20.18 13.79
C ALA A 128 13.06 20.05 14.97
N ARG A 129 13.10 21.01 15.85
CA ARG A 129 12.28 20.98 17.02
C ARG A 129 10.90 21.57 16.78
N LYS A 130 10.65 21.99 15.57
CA LYS A 130 9.35 22.43 15.21
C LYS A 130 8.45 21.26 14.71
N ILE A 131 9.00 20.05 14.62
CA ILE A 131 8.22 18.91 14.18
C ILE A 131 7.24 18.56 15.29
N ASN A 132 5.97 18.56 14.94
CA ASN A 132 4.92 18.13 15.86
C ASN A 132 5.07 16.66 16.23
N PRO A 133 4.65 16.29 17.45
CA PRO A 133 4.66 14.87 17.84
C PRO A 133 3.74 14.03 16.98
N PHE A 134 2.75 14.66 16.36
CA PHE A 134 1.76 13.94 15.55
C PHE A 134 2.05 14.03 14.05
N PHE A 135 3.22 14.54 13.69
CA PHE A 135 3.57 14.70 12.28
C PHE A 135 3.58 13.36 11.52
N ILE A 136 4.28 12.38 12.06
CA ILE A 136 4.41 11.09 11.38
C ILE A 136 3.08 10.32 11.32
N PRO A 137 2.40 10.12 12.47
CA PRO A 137 1.13 9.38 12.31
C PRO A 137 0.10 10.14 11.49
N GLY A 138 0.21 11.46 11.44
CA GLY A 138 -0.71 12.27 10.68
C GLY A 138 -0.49 12.23 9.19
N SER A 139 0.57 11.56 8.75
CA SER A 139 0.91 11.50 7.33
C SER A 139 1.06 10.07 6.81
N LEU A 140 1.14 9.09 7.71
CA LEU A 140 1.25 7.70 7.31
C LEU A 140 -0.04 7.23 6.62
N ILE A 141 0.12 6.65 5.44
CA ILE A 141 -1.02 6.24 4.61
C ILE A 141 -1.90 5.19 5.29
N ASN A 142 -1.28 4.27 6.02
CA ASN A 142 -2.02 3.18 6.64
C ASN A 142 -2.80 3.60 7.89
N LEU A 143 -2.62 4.84 8.32
CA LEU A 143 -3.27 5.31 9.54
C LEU A 143 -4.74 5.66 9.31
N ILE A 144 -5.16 5.69 8.05
CA ILE A 144 -6.59 5.78 7.75
C ILE A 144 -7.26 4.54 8.33
N SER A 145 -6.79 3.38 7.90
CA SER A 145 -7.27 2.11 8.41
C SER A 145 -7.07 2.02 9.91
N GLY A 146 -5.95 2.58 10.39
CA GLY A 146 -5.66 2.59 11.81
C GLY A 146 -6.71 3.29 12.63
N HIS A 147 -7.05 4.52 12.23
CA HIS A 147 -8.05 5.30 12.96
C HIS A 147 -9.44 4.68 12.90
N VAL A 148 -9.81 4.13 11.75
CA VAL A 148 -11.12 3.52 11.58
C VAL A 148 -11.29 2.29 12.48
N THR A 149 -10.26 1.44 12.54
CA THR A 149 -10.32 0.26 13.39
C THR A 149 -10.42 0.64 14.87
N ILE A 150 -9.73 1.70 15.26
CA ILE A 150 -9.75 2.14 16.65
C ILE A 150 -11.09 2.76 17.01
N LEU A 151 -11.65 3.54 16.09
CA LEU A 151 -12.95 4.16 16.30
C LEU A 151 -14.07 3.13 16.45
N LYS A 152 -13.94 2.00 15.75
CA LYS A 152 -15.02 1.04 15.65
C LYS A 152 -14.75 -0.29 16.37
N GLY A 153 -13.51 -0.51 16.78
CA GLY A 153 -13.15 -1.72 17.50
C GLY A 153 -12.98 -2.93 16.60
N TYR A 154 -12.69 -2.68 15.32
CA TYR A 154 -12.47 -3.76 14.35
C TYR A 154 -11.08 -4.36 14.54
N ARG A 155 -10.99 -5.69 14.58
CA ARG A 155 -9.71 -6.34 14.80
C ARG A 155 -9.33 -7.32 13.69
N GLY A 156 -10.01 -7.23 12.55
CA GLY A 156 -9.64 -8.01 11.38
C GLY A 156 -8.40 -7.44 10.74
N PRO A 157 -8.04 -7.93 9.54
CA PRO A 157 -6.86 -7.44 8.83
C PRO A 157 -6.97 -5.96 8.49
N SER A 158 -5.89 -5.21 8.72
CA SER A 158 -5.86 -3.81 8.31
C SER A 158 -4.53 -3.41 7.73
N TYR A 159 -4.60 -2.69 6.62
CA TYR A 159 -3.44 -2.14 5.93
C TYR A 159 -3.91 -1.18 4.85
N GLY A 160 -2.97 -0.58 4.14
CA GLY A 160 -3.31 0.24 2.99
C GLY A 160 -2.60 -0.28 1.76
N MET A 161 -3.13 0.06 0.60
CA MET A 161 -2.46 -0.25 -0.66
C MET A 161 -1.93 1.05 -1.25
N VAL A 162 -0.92 0.91 -2.10
CA VAL A 162 -0.49 2.01 -2.93
C VAL A 162 -0.28 1.55 -4.35
N SER A 163 -1.04 2.13 -5.26
CA SER A 163 -0.86 1.87 -6.67
C SER A 163 -1.24 3.07 -7.54
N ALA A 164 -0.93 4.27 -7.08
CA ALA A 164 -1.21 5.46 -7.85
C ALA A 164 -2.71 5.52 -8.21
N CYS A 165 -3.01 5.66 -9.50
CA CYS A 165 -4.38 5.83 -9.97
C CYS A 165 -5.25 4.61 -9.69
N THR A 166 -4.62 3.48 -9.40
CA THR A 166 -5.28 2.18 -9.31
C THR A 166 -5.48 1.76 -7.84
N THR A 167 -5.02 2.61 -6.91
CA THR A 167 -5.04 2.29 -5.48
C THR A 167 -6.39 1.83 -4.96
N GLY A 168 -7.44 2.60 -5.22
CA GLY A 168 -8.77 2.29 -4.75
C GLY A 168 -9.31 0.97 -5.30
N ALA A 169 -8.95 0.66 -6.54
CA ALA A 169 -9.39 -0.56 -7.18
C ALA A 169 -8.74 -1.78 -6.54
N HIS A 170 -7.43 -1.69 -6.33
CA HIS A 170 -6.68 -2.78 -5.72
C HIS A 170 -7.15 -3.06 -4.30
N ALA A 171 -7.44 -1.99 -3.55
CA ALA A 171 -7.89 -2.12 -2.17
C ALA A 171 -9.21 -2.86 -2.08
N ILE A 172 -10.15 -2.49 -2.95
CA ILE A 172 -11.47 -3.10 -2.97
C ILE A 172 -11.41 -4.55 -3.45
N GLY A 173 -10.68 -4.77 -4.53
CA GLY A 173 -10.50 -6.11 -5.05
C GLY A 173 -9.80 -7.02 -4.06
N ASN A 174 -8.75 -6.52 -3.43
CA ASN A 174 -8.01 -7.28 -2.42
C ASN A 174 -8.86 -7.62 -1.21
N SER A 175 -9.69 -6.67 -0.79
CA SER A 175 -10.56 -6.89 0.36
C SER A 175 -11.59 -7.98 0.06
N ALA A 176 -12.07 -8.00 -1.18
CA ALA A 176 -13.00 -9.02 -1.63
C ALA A 176 -12.32 -10.40 -1.59
N ARG A 177 -11.05 -10.43 -1.99
CA ARG A 177 -10.26 -11.65 -1.92
C ARG A 177 -10.16 -12.14 -0.48
N LEU A 178 -9.86 -11.21 0.43
CA LEU A 178 -9.72 -11.51 1.85
C LEU A 178 -10.98 -12.17 2.42
N ILE A 179 -12.14 -11.64 2.05
CA ILE A 179 -13.41 -12.17 2.53
C ILE A 179 -13.66 -13.57 1.98
N LYS A 180 -13.41 -13.75 0.68
CA LYS A 180 -13.59 -15.05 0.04
C LYS A 180 -12.68 -16.12 0.65
N TYR A 181 -11.42 -15.74 0.91
CA TYR A 181 -10.45 -16.65 1.50
C TYR A 181 -10.87 -17.06 2.91
N GLY A 182 -11.58 -16.16 3.59
CA GLY A 182 -12.10 -16.44 4.91
C GLY A 182 -11.33 -15.76 6.03
N ASP A 183 -10.54 -14.75 5.68
CA ASP A 183 -9.77 -14.00 6.66
C ASP A 183 -10.60 -12.89 7.28
N ALA A 184 -11.76 -12.63 6.70
CA ALA A 184 -12.70 -11.66 7.22
C ALA A 184 -14.09 -11.92 6.66
N ASP A 185 -15.11 -11.47 7.38
CA ASP A 185 -16.47 -11.55 6.87
C ASP A 185 -16.90 -10.18 6.35
N ILE A 186 -16.22 -9.15 6.83
CA ILE A 186 -16.50 -7.77 6.41
C ILE A 186 -15.20 -6.99 6.22
N MET A 187 -15.14 -6.20 5.15
CA MET A 187 -14.02 -5.31 4.91
C MET A 187 -14.50 -3.90 4.54
N VAL A 188 -13.89 -2.89 5.15
CA VAL A 188 -14.12 -1.50 4.77
C VAL A 188 -12.97 -1.08 3.85
N ALA A 189 -13.29 -0.81 2.59
CA ALA A 189 -12.24 -0.65 1.59
C ALA A 189 -12.48 0.50 0.60
N GLY A 190 -11.38 1.06 0.10
CA GLY A 190 -11.44 2.13 -0.87
C GLY A 190 -10.12 2.89 -0.94
N GLY A 191 -10.20 4.15 -1.34
CA GLY A 191 -9.01 4.99 -1.44
C GLY A 191 -9.30 6.42 -1.01
N ALA A 192 -8.26 7.12 -0.59
CA ALA A 192 -8.38 8.53 -0.20
C ALA A 192 -7.18 9.30 -0.71
N GLU A 193 -7.41 10.54 -1.14
CA GLU A 193 -6.31 11.36 -1.65
C GLU A 193 -6.50 12.83 -1.32
N GLY A 194 -5.41 13.48 -0.94
CA GLY A 194 -5.42 14.91 -0.65
C GLY A 194 -4.08 15.53 -0.98
N ALA A 195 -3.83 15.76 -2.26
CA ALA A 195 -2.55 16.28 -2.71
C ALA A 195 -2.68 17.63 -3.41
N ILE A 196 -3.73 18.38 -3.07
CA ILE A 196 -3.86 19.73 -3.58
C ILE A 196 -2.92 20.64 -2.80
N SER A 197 -1.67 20.66 -3.24
CA SER A 197 -0.64 21.47 -2.60
C SER A 197 0.40 21.85 -3.64
N THR A 198 1.36 22.69 -3.25
CA THR A 198 2.39 23.15 -4.17
C THR A 198 3.16 22.01 -4.81
N LEU A 199 3.59 21.05 -3.99
CA LEU A 199 4.38 19.93 -4.49
C LEU A 199 3.51 18.91 -5.22
N GLY A 200 2.25 18.78 -4.80
CA GLY A 200 1.34 17.86 -5.44
C GLY A 200 0.94 18.31 -6.83
N VAL A 201 0.30 19.49 -6.90
CA VAL A 201 -0.13 20.05 -8.17
C VAL A 201 1.07 20.42 -9.04
N GLY A 202 2.06 21.06 -8.43
CA GLY A 202 3.26 21.45 -9.15
C GLY A 202 4.05 20.24 -9.64
N GLY A 203 3.95 19.14 -8.92
CA GLY A 203 4.66 17.93 -9.30
C GLY A 203 4.15 17.33 -10.60
N PHE A 204 2.83 17.21 -10.73
CA PHE A 204 2.23 16.67 -11.94
C PHE A 204 2.34 17.67 -13.10
N ALA A 205 2.33 18.95 -12.78
CA ALA A 205 2.51 19.99 -13.79
C ALA A 205 3.89 19.91 -14.41
N ALA A 206 4.89 19.59 -13.58
CA ALA A 206 6.26 19.44 -14.05
C ALA A 206 6.38 18.26 -15.00
N MET A 207 5.45 17.33 -14.87
CA MET A 207 5.35 16.19 -15.76
C MET A 207 4.62 16.56 -17.06
N LYS A 208 4.09 17.76 -17.13
CA LYS A 208 3.22 18.22 -18.22
C LYS A 208 1.97 17.35 -18.33
N ALA A 209 1.54 16.81 -17.20
CA ALA A 209 0.42 15.87 -17.18
C ALA A 209 -0.93 16.55 -16.95
N LEU A 210 -0.89 17.81 -16.52
CA LEU A 210 -2.11 18.51 -16.14
C LEU A 210 -2.62 19.46 -17.23
N SER A 211 -3.94 19.61 -17.27
CA SER A 211 -4.59 20.58 -18.16
C SER A 211 -4.14 22.00 -17.83
N THR A 212 -4.03 22.84 -18.85
CA THR A 212 -3.67 24.23 -18.64
C THR A 212 -4.77 25.17 -19.12
N ARG A 213 -5.99 24.63 -19.24
CA ARG A 213 -7.14 25.43 -19.60
C ARG A 213 -7.65 26.17 -18.36
N ASN A 214 -6.86 27.12 -17.88
CA ASN A 214 -7.14 27.81 -16.64
C ASN A 214 -8.21 28.89 -16.78
N ASP A 215 -8.49 29.31 -18.01
CA ASP A 215 -9.53 30.29 -18.26
C ASP A 215 -10.91 29.67 -18.40
N ASP A 216 -10.96 28.34 -18.51
CA ASP A 216 -12.22 27.62 -18.61
C ASP A 216 -12.21 26.38 -17.70
N PRO A 217 -12.30 26.56 -16.39
CA PRO A 217 -12.10 25.43 -15.47
C PRO A 217 -13.13 24.32 -15.68
N ALA A 218 -14.36 24.70 -15.96
CA ALA A 218 -15.49 23.79 -16.08
C ALA A 218 -15.35 22.80 -17.24
N THR A 219 -14.54 23.17 -18.24
CA THR A 219 -14.36 22.29 -19.39
C THR A 219 -12.91 21.84 -19.55
N ALA A 220 -12.09 22.04 -18.51
CA ALA A 220 -10.70 21.61 -18.54
C ALA A 220 -10.62 20.10 -18.68
N SER A 221 -11.43 19.39 -17.90
CA SER A 221 -11.52 17.94 -18.00
C SER A 221 -12.56 17.57 -19.06
N ARG A 222 -12.08 16.99 -20.17
CA ARG A 222 -12.96 16.67 -21.29
C ARG A 222 -12.51 15.41 -22.02
N PRO A 223 -12.70 14.24 -21.39
CA PRO A 223 -12.21 12.97 -21.94
C PRO A 223 -12.73 12.68 -23.35
N TRP A 224 -11.83 12.23 -24.22
CA TRP A 224 -12.12 11.89 -25.61
C TRP A 224 -12.54 13.08 -26.47
N ASP A 225 -12.48 14.29 -25.91
CA ASP A 225 -12.75 15.48 -26.71
C ASP A 225 -11.50 15.90 -27.45
N LYS A 226 -11.70 16.50 -28.62
CA LYS A 226 -10.62 16.96 -29.48
C LYS A 226 -9.66 17.91 -28.78
N GLY A 227 -10.18 18.70 -27.84
CA GLY A 227 -9.39 19.74 -27.21
C GLY A 227 -8.77 19.40 -25.88
N ARG A 228 -8.79 18.13 -25.50
CA ARG A 228 -8.23 17.70 -24.22
C ARG A 228 -6.72 17.92 -24.16
N ASP A 229 -6.24 18.36 -23.00
CA ASP A 229 -4.83 18.61 -22.78
C ASP A 229 -4.19 18.15 -21.43
N GLY A 230 -4.61 17.01 -20.88
CA GLY A 230 -4.09 16.57 -19.59
C GLY A 230 -5.19 16.47 -18.55
N PHE A 231 -4.94 15.74 -17.46
CA PHE A 231 -6.01 15.56 -16.48
C PHE A 231 -6.08 16.71 -15.49
N VAL A 232 -7.21 16.78 -14.79
CA VAL A 232 -7.40 17.78 -13.74
C VAL A 232 -7.32 17.09 -12.40
N ILE A 233 -6.40 17.54 -11.55
CA ILE A 233 -6.17 16.88 -10.27
C ILE A 233 -7.38 17.09 -9.34
N GLY A 234 -7.69 16.04 -8.58
CA GLY A 234 -8.81 16.09 -7.66
C GLY A 234 -8.45 15.48 -6.32
N GLU A 235 -9.35 15.64 -5.35
CA GLU A 235 -9.12 15.13 -4.01
C GLU A 235 -10.40 14.53 -3.45
N GLY A 236 -10.25 13.65 -2.46
CA GLY A 236 -11.40 13.07 -1.79
C GLY A 236 -11.21 11.63 -1.41
N ALA A 237 -12.33 10.89 -1.32
CA ALA A 237 -12.29 9.49 -0.93
C ALA A 237 -13.58 8.76 -1.29
N GLY A 238 -13.44 7.51 -1.71
CA GLY A 238 -14.57 6.64 -1.97
C GLY A 238 -14.40 5.33 -1.24
N ILE A 239 -15.41 4.93 -0.48
CA ILE A 239 -15.31 3.75 0.38
C ILE A 239 -16.46 2.77 0.18
N LEU A 240 -16.14 1.48 0.16
CA LEU A 240 -17.15 0.42 0.15
C LEU A 240 -17.14 -0.37 1.45
N VAL A 241 -18.31 -0.84 1.85
CA VAL A 241 -18.40 -1.90 2.84
C VAL A 241 -18.65 -3.21 2.11
N LEU A 242 -17.66 -4.09 2.12
CA LEU A 242 -17.80 -5.40 1.49
C LEU A 242 -18.17 -6.43 2.55
N GLU A 243 -19.11 -7.30 2.21
CA GLU A 243 -19.67 -8.22 3.18
C GLU A 243 -19.97 -9.57 2.55
N GLU A 244 -19.58 -10.64 3.24
CA GLU A 244 -19.89 -12.00 2.81
C GLU A 244 -21.41 -12.13 2.71
N LEU A 245 -21.88 -12.78 1.65
CA LEU A 245 -23.31 -12.79 1.32
C LEU A 245 -24.20 -13.34 2.42
N GLU A 246 -23.87 -14.53 2.93
CA GLU A 246 -24.69 -15.17 3.97
C GLU A 246 -24.76 -14.29 5.22
N HIS A 247 -23.64 -13.66 5.56
CA HIS A 247 -23.60 -12.74 6.69
C HIS A 247 -24.51 -11.56 6.45
N ALA A 248 -24.52 -11.08 5.21
CA ALA A 248 -25.37 -9.95 4.84
C ALA A 248 -26.84 -10.31 4.94
N LYS A 249 -27.22 -11.47 4.40
CA LYS A 249 -28.62 -11.89 4.35
C LYS A 249 -29.17 -12.26 5.74
N LYS A 250 -28.31 -12.74 6.63
CA LYS A 250 -28.73 -13.14 7.96
C LYS A 250 -29.29 -11.97 8.75
N ARG A 251 -28.54 -10.86 8.79
CA ARG A 251 -29.09 -9.60 9.24
C ARG A 251 -29.89 -9.03 8.07
N GLY A 252 -30.70 -8.05 8.25
CA GLY A 252 -31.46 -7.77 7.07
C GLY A 252 -30.83 -6.76 6.14
N ALA A 253 -29.59 -6.94 5.72
CA ALA A 253 -28.89 -5.86 5.05
C ALA A 253 -29.40 -5.47 3.69
N LYS A 254 -29.48 -4.19 3.47
CA LYS A 254 -29.64 -3.67 2.14
C LYS A 254 -28.40 -3.97 1.31
N ILE A 255 -28.62 -4.54 0.14
CA ILE A 255 -27.58 -4.93 -0.78
C ILE A 255 -27.62 -4.12 -2.09
N TYR A 256 -26.55 -3.42 -2.39
CA TYR A 256 -26.45 -2.59 -3.59
C TYR A 256 -26.12 -3.40 -4.84
N ALA A 257 -25.11 -4.26 -4.71
CA ALA A 257 -24.61 -5.05 -5.83
C ALA A 257 -23.66 -6.13 -5.32
N GLU A 258 -23.23 -6.99 -6.23
CA GLU A 258 -22.24 -8.02 -5.91
C GLU A 258 -20.96 -7.76 -6.70
N ILE A 259 -19.81 -7.96 -6.05
CA ILE A 259 -18.55 -7.88 -6.77
C ILE A 259 -18.14 -9.30 -7.17
N VAL A 260 -18.03 -9.53 -8.47
CA VAL A 260 -17.82 -10.88 -8.97
C VAL A 260 -16.47 -11.07 -9.66
N GLY A 261 -15.78 -9.96 -9.92
CA GLY A 261 -14.53 -10.03 -10.67
C GLY A 261 -13.47 -9.00 -10.32
N PHE A 262 -12.21 -9.43 -10.40
CA PHE A 262 -11.06 -8.59 -10.07
C PHE A 262 -9.88 -9.00 -10.95
N GLY A 263 -9.41 -8.07 -11.77
CA GLY A 263 -8.32 -8.36 -12.70
C GLY A 263 -7.16 -7.40 -12.57
N MET A 264 -5.94 -7.92 -12.66
CA MET A 264 -4.74 -7.12 -12.48
C MET A 264 -3.69 -7.41 -13.55
N SER A 265 -2.93 -6.37 -13.92
CA SER A 265 -1.85 -6.53 -14.89
C SER A 265 -0.82 -5.42 -14.77
N SER A 266 0.28 -5.57 -15.51
CA SER A 266 1.29 -4.54 -15.60
C SER A 266 1.67 -4.33 -17.07
N ASP A 267 1.84 -3.08 -17.47
CA ASP A 267 2.23 -2.78 -18.84
C ASP A 267 3.64 -3.27 -19.13
N ALA A 268 4.54 -3.03 -18.18
CA ALA A 268 5.96 -3.27 -18.38
C ALA A 268 6.48 -2.45 -19.56
N TYR A 269 5.95 -1.24 -19.73
CA TYR A 269 6.42 -0.36 -20.80
C TYR A 269 6.85 1.03 -20.32
N HIS A 270 5.88 1.88 -19.99
CA HIS A 270 6.15 3.25 -19.54
C HIS A 270 5.75 3.46 -18.08
N ILE A 271 6.45 4.34 -17.39
CA ILE A 271 6.18 4.60 -15.98
C ILE A 271 4.97 5.51 -15.77
N THR A 272 4.68 6.37 -16.75
CA THR A 272 3.59 7.35 -16.60
C THR A 272 2.68 7.47 -17.82
N ALA A 273 2.73 6.48 -18.71
CA ALA A 273 1.85 6.49 -19.88
C ALA A 273 1.35 5.09 -20.19
N PRO A 274 0.03 4.86 -20.08
CA PRO A 274 -0.56 3.54 -20.33
C PRO A 274 -0.44 3.12 -21.79
N ASN A 275 -0.10 1.86 -22.04
CA ASN A 275 -0.12 1.34 -23.39
C ASN A 275 -1.46 0.67 -23.68
N GLU A 276 -1.51 -0.15 -24.72
CA GLU A 276 -2.75 -0.82 -25.10
C GLU A 276 -2.91 -2.18 -24.42
N GLU A 277 -1.86 -2.99 -24.50
CA GLU A 277 -1.94 -4.40 -24.12
C GLU A 277 -2.13 -4.62 -22.62
N GLY A 278 -1.40 -3.85 -21.81
CA GLY A 278 -1.52 -3.93 -20.37
C GLY A 278 -2.93 -3.79 -19.84
N PRO A 279 -3.58 -2.65 -20.11
CA PRO A 279 -4.98 -2.44 -19.72
C PRO A 279 -5.91 -3.51 -20.27
N ALA A 280 -5.67 -3.95 -21.50
CA ALA A 280 -6.49 -5.01 -22.11
C ALA A 280 -6.38 -6.30 -21.30
N LEU A 281 -5.18 -6.59 -20.81
CA LEU A 281 -4.95 -7.76 -19.99
C LEU A 281 -5.78 -7.74 -18.70
N ALA A 282 -5.81 -6.59 -18.06
CA ALA A 282 -6.54 -6.43 -16.80
C ALA A 282 -8.04 -6.65 -16.98
N VAL A 283 -8.58 -6.05 -18.04
CA VAL A 283 -10.00 -6.20 -18.35
C VAL A 283 -10.34 -7.65 -18.66
N THR A 284 -9.51 -8.29 -19.48
CA THR A 284 -9.68 -9.70 -19.82
C THR A 284 -9.64 -10.58 -18.59
N ARG A 285 -8.65 -10.36 -17.73
CA ARG A 285 -8.45 -11.17 -16.53
C ARG A 285 -9.60 -11.02 -15.55
N ALA A 286 -10.20 -9.84 -15.50
CA ALA A 286 -11.32 -9.58 -14.60
C ALA A 286 -12.59 -10.28 -15.07
N LEU A 287 -12.82 -10.27 -16.39
CA LEU A 287 -13.98 -10.94 -16.96
C LEU A 287 -13.86 -12.46 -16.78
N LYS A 288 -12.64 -12.97 -16.89
CA LYS A 288 -12.37 -14.37 -16.64
C LYS A 288 -12.67 -14.72 -15.18
N ASP A 289 -12.18 -13.89 -14.27
CA ASP A 289 -12.38 -14.10 -12.85
C ASP A 289 -13.86 -14.10 -12.49
N ALA A 290 -14.65 -13.32 -13.23
CA ALA A 290 -16.08 -13.21 -12.99
C ALA A 290 -16.84 -14.32 -13.72
N GLY A 291 -16.17 -14.97 -14.67
CA GLY A 291 -16.80 -16.02 -15.44
C GLY A 291 -17.85 -15.49 -16.40
N ILE A 292 -17.61 -14.29 -16.94
CA ILE A 292 -18.52 -13.69 -17.89
C ILE A 292 -17.80 -13.29 -19.18
N ASN A 293 -18.59 -12.99 -20.21
CA ASN A 293 -18.05 -12.58 -21.50
C ASN A 293 -18.17 -11.07 -21.70
N PRO A 294 -17.36 -10.49 -22.61
CA PRO A 294 -17.45 -9.06 -22.93
C PRO A 294 -18.87 -8.58 -23.22
N GLU A 295 -19.64 -9.36 -23.96
CA GLU A 295 -20.99 -8.96 -24.37
C GLU A 295 -21.94 -8.79 -23.18
N ASP A 296 -21.58 -9.37 -22.04
CA ASP A 296 -22.41 -9.28 -20.84
C ASP A 296 -22.25 -7.94 -20.12
N VAL A 297 -21.23 -7.17 -20.50
CA VAL A 297 -20.94 -5.90 -19.83
C VAL A 297 -21.77 -4.76 -20.40
N ASP A 298 -22.58 -4.14 -19.55
CA ASP A 298 -23.48 -3.08 -19.98
C ASP A 298 -22.87 -1.68 -19.82
N TYR A 299 -21.98 -1.53 -18.84
CA TYR A 299 -21.41 -0.21 -18.58
C TYR A 299 -19.94 -0.28 -18.14
N VAL A 300 -19.13 0.60 -18.72
CA VAL A 300 -17.74 0.72 -18.37
C VAL A 300 -17.45 2.09 -17.79
N ASN A 301 -17.20 2.17 -16.48
CA ASN A 301 -16.68 3.39 -15.92
C ASN A 301 -15.19 3.44 -16.20
N ALA A 302 -14.82 4.27 -17.17
CA ALA A 302 -13.46 4.25 -17.71
C ALA A 302 -12.44 4.90 -16.79
N HIS A 303 -11.16 4.68 -17.09
CA HIS A 303 -10.10 5.46 -16.45
C HIS A 303 -10.21 6.93 -16.88
N GLY A 304 -10.24 7.16 -18.19
CA GLY A 304 -10.74 8.40 -18.77
C GLY A 304 -10.20 9.72 -18.26
N THR A 305 -8.88 9.84 -18.24
CA THR A 305 -8.18 10.98 -17.62
C THR A 305 -8.26 12.29 -18.42
N SER A 306 -8.73 12.23 -19.65
CA SER A 306 -8.71 13.41 -20.52
C SER A 306 -7.31 13.77 -21.07
N THR A 307 -6.45 12.76 -21.18
CA THR A 307 -5.12 12.95 -21.76
C THR A 307 -5.15 12.58 -23.25
N PRO A 308 -4.35 13.28 -24.08
CA PRO A 308 -4.33 13.00 -25.52
C PRO A 308 -4.02 11.55 -25.87
N LEU A 309 -2.96 10.99 -25.30
CA LEU A 309 -2.58 9.61 -25.60
C LEU A 309 -3.38 8.60 -24.80
N GLY A 310 -3.63 8.92 -23.53
CA GLY A 310 -4.30 7.98 -22.63
C GLY A 310 -5.71 7.61 -23.03
N ASP A 311 -6.53 8.62 -23.32
CA ASP A 311 -7.92 8.38 -23.72
C ASP A 311 -8.01 7.53 -24.97
N ALA A 312 -7.12 7.78 -25.92
CA ALA A 312 -7.10 7.06 -27.19
C ALA A 312 -6.59 5.64 -26.99
N ASN A 313 -5.59 5.48 -26.12
CA ASN A 313 -5.03 4.17 -25.84
C ASN A 313 -5.99 3.29 -25.04
N GLU A 314 -6.78 3.93 -24.18
CA GLU A 314 -7.79 3.20 -23.41
C GLU A 314 -8.87 2.66 -24.34
N THR A 315 -9.23 3.46 -25.35
CA THR A 315 -10.21 3.04 -26.33
C THR A 315 -9.74 1.81 -27.10
N LYS A 316 -8.47 1.83 -27.52
CA LYS A 316 -7.87 0.71 -28.22
C LYS A 316 -7.79 -0.53 -27.33
N ALA A 317 -7.53 -0.30 -26.05
CA ALA A 317 -7.47 -1.38 -25.08
C ALA A 317 -8.82 -2.07 -24.93
N LEU A 318 -9.89 -1.27 -24.91
CA LEU A 318 -11.24 -1.79 -24.84
C LEU A 318 -11.58 -2.62 -26.08
N LYS A 319 -11.15 -2.16 -27.24
CA LYS A 319 -11.40 -2.87 -28.47
C LYS A 319 -10.70 -4.22 -28.48
N ARG A 320 -9.48 -4.26 -27.95
CA ARG A 320 -8.74 -5.50 -27.85
C ARG A 320 -9.47 -6.51 -26.98
N ALA A 321 -9.95 -6.04 -25.84
CA ALA A 321 -10.57 -6.91 -24.84
C ALA A 321 -12.01 -7.26 -25.17
N PHE A 322 -12.76 -6.31 -25.71
CA PHE A 322 -14.18 -6.51 -25.98
C PHE A 322 -14.47 -6.96 -27.40
N GLY A 323 -13.55 -6.68 -28.31
CA GLY A 323 -13.79 -6.94 -29.71
C GLY A 323 -14.89 -6.03 -30.22
N GLU A 324 -15.83 -6.59 -30.96
CA GLU A 324 -16.92 -5.81 -31.51
C GLU A 324 -17.91 -5.28 -30.46
N HIS A 325 -18.00 -5.91 -29.31
CA HIS A 325 -18.95 -5.48 -28.28
C HIS A 325 -18.55 -4.13 -27.69
N ALA A 326 -17.34 -3.69 -27.99
CA ALA A 326 -16.88 -2.36 -27.57
C ALA A 326 -17.81 -1.29 -28.13
N TYR A 327 -18.48 -1.61 -29.24
CA TYR A 327 -19.41 -0.70 -29.88
C TYR A 327 -20.83 -0.87 -29.38
N LYS A 328 -21.07 -1.93 -28.62
CA LYS A 328 -22.39 -2.19 -28.07
C LYS A 328 -22.58 -1.66 -26.64
N THR A 329 -21.54 -1.79 -25.82
CA THR A 329 -21.60 -1.36 -24.42
C THR A 329 -21.56 0.16 -24.32
N VAL A 330 -21.75 0.66 -23.10
CA VAL A 330 -21.68 2.10 -22.86
C VAL A 330 -20.52 2.44 -21.93
N VAL A 331 -19.70 3.39 -22.36
CA VAL A 331 -18.57 3.86 -21.56
C VAL A 331 -18.87 5.26 -21.05
N SER A 332 -18.28 5.63 -19.91
CA SER A 332 -18.33 7.01 -19.46
C SER A 332 -17.20 7.29 -18.47
N SER A 333 -16.70 8.51 -18.49
CA SER A 333 -15.69 8.93 -17.52
C SER A 333 -16.27 10.00 -16.61
N THR A 334 -16.42 9.66 -15.34
CA THR A 334 -16.95 10.60 -14.36
C THR A 334 -15.89 11.61 -13.93
N LYS A 335 -14.66 11.38 -14.39
CA LYS A 335 -13.57 12.33 -14.17
C LYS A 335 -13.82 13.63 -14.92
N SER A 336 -14.71 13.57 -15.91
CA SER A 336 -15.14 14.76 -16.64
C SER A 336 -15.76 15.77 -15.68
N MET A 337 -16.28 15.27 -14.56
CA MET A 337 -16.88 16.12 -13.55
C MET A 337 -16.07 16.19 -12.26
N THR A 338 -15.47 15.07 -11.86
CA THR A 338 -14.77 14.99 -10.58
C THR A 338 -13.30 15.37 -10.65
N GLY A 339 -12.73 15.30 -11.85
CA GLY A 339 -11.30 15.38 -12.00
C GLY A 339 -10.72 14.03 -11.62
N HIS A 340 -9.39 13.94 -11.61
CA HIS A 340 -8.75 12.65 -11.34
C HIS A 340 -8.27 12.58 -9.90
N LEU A 341 -8.91 11.71 -9.14
CA LEU A 341 -8.72 11.61 -7.70
C LEU A 341 -7.55 10.71 -7.34
N LEU A 342 -6.79 10.28 -8.35
CA LEU A 342 -5.60 9.51 -8.08
C LEU A 342 -5.97 8.28 -7.27
N GLY A 343 -5.33 8.14 -6.11
CA GLY A 343 -5.52 7.00 -5.24
C GLY A 343 -6.96 6.80 -4.85
N ALA A 344 -7.74 7.86 -4.83
CA ALA A 344 -9.14 7.76 -4.43
C ALA A 344 -10.06 7.53 -5.62
N ALA A 345 -9.49 7.57 -6.82
CA ALA A 345 -10.27 7.47 -8.05
C ALA A 345 -10.99 6.13 -8.16
N GLY A 346 -10.27 5.04 -7.88
CA GLY A 346 -10.87 3.72 -7.91
C GLY A 346 -11.96 3.58 -6.87
N GLY A 347 -11.83 4.34 -5.78
CA GLY A 347 -12.80 4.32 -4.70
C GLY A 347 -14.13 4.95 -5.07
N VAL A 348 -14.09 6.21 -5.51
CA VAL A 348 -15.32 6.93 -5.84
C VAL A 348 -15.99 6.35 -7.08
N GLU A 349 -15.18 5.85 -8.02
CA GLU A 349 -15.71 5.34 -9.28
C GLU A 349 -16.29 3.94 -9.11
N ALA A 350 -15.88 3.25 -8.05
CA ALA A 350 -16.52 2.00 -7.67
C ALA A 350 -17.92 2.31 -7.14
N VAL A 351 -18.01 3.35 -6.30
CA VAL A 351 -19.28 3.81 -5.78
C VAL A 351 -20.25 4.18 -6.89
N TYR A 352 -19.75 4.91 -7.88
CA TYR A 352 -20.58 5.37 -8.99
C TYR A 352 -21.04 4.21 -9.86
N SER A 353 -20.15 3.23 -10.07
CA SER A 353 -20.47 2.05 -10.86
C SER A 353 -21.57 1.24 -10.19
N ILE A 354 -21.46 1.11 -8.88
CA ILE A 354 -22.44 0.38 -8.09
C ILE A 354 -23.79 1.10 -8.09
N LEU A 355 -23.75 2.42 -7.98
CA LEU A 355 -24.97 3.23 -8.03
C LEU A 355 -25.62 3.17 -9.40
N ALA A 356 -24.81 2.98 -10.44
CA ALA A 356 -25.33 2.83 -11.80
C ALA A 356 -26.18 1.57 -11.88
N ILE A 357 -25.66 0.48 -11.33
CA ILE A 357 -26.39 -0.78 -11.27
C ILE A 357 -27.64 -0.65 -10.42
N HIS A 358 -27.47 -0.09 -9.22
CA HIS A 358 -28.54 0.04 -8.24
C HIS A 358 -29.70 0.91 -8.74
N ASP A 359 -29.36 1.99 -9.44
CA ASP A 359 -30.37 2.97 -9.85
C ASP A 359 -30.80 2.83 -11.30
N GLY A 360 -30.05 2.09 -12.09
CA GLY A 360 -30.36 1.94 -13.50
C GLY A 360 -30.15 3.22 -14.27
N LYS A 361 -29.07 3.92 -13.94
CA LYS A 361 -28.72 5.17 -14.59
C LYS A 361 -27.22 5.25 -14.88
N ILE A 362 -26.87 5.78 -16.05
CA ILE A 362 -25.47 5.97 -16.41
C ILE A 362 -25.10 7.45 -16.38
N PRO A 363 -24.10 7.82 -15.57
CA PRO A 363 -23.62 9.20 -15.55
C PRO A 363 -22.87 9.53 -16.84
N PRO A 364 -22.97 10.77 -17.31
CA PRO A 364 -22.42 11.16 -18.61
C PRO A 364 -20.94 11.51 -18.57
N THR A 365 -20.30 11.45 -19.74
CA THR A 365 -19.04 12.14 -19.95
C THR A 365 -19.36 13.52 -20.49
N ILE A 366 -19.24 14.54 -19.64
CA ILE A 366 -19.56 15.89 -20.08
C ILE A 366 -18.37 16.48 -20.84
N ASN A 367 -18.60 17.67 -21.41
CA ASN A 367 -17.58 18.41 -22.15
C ASN A 367 -17.08 17.70 -23.40
N ILE A 368 -17.92 16.85 -23.99
CA ILE A 368 -17.62 16.31 -25.31
C ILE A 368 -18.27 17.20 -26.37
N PHE A 369 -17.51 18.19 -26.83
CA PHE A 369 -18.00 19.15 -27.81
C PHE A 369 -17.77 18.62 -29.21
N GLU A 370 -16.58 18.06 -29.44
CA GLU A 370 -16.27 17.37 -30.67
C GLU A 370 -15.47 16.12 -30.35
N GLN A 371 -16.12 14.96 -30.41
CA GLN A 371 -15.51 13.70 -30.04
C GLN A 371 -14.36 13.41 -30.98
N ASP A 372 -13.26 12.90 -30.45
CA ASP A 372 -12.04 12.72 -31.19
C ASP A 372 -12.01 11.41 -31.98
N VAL A 373 -12.89 11.33 -32.95
CA VAL A 373 -13.04 10.15 -33.81
C VAL A 373 -11.79 9.88 -34.61
N GLU A 374 -11.12 10.92 -35.03
CA GLU A 374 -9.93 10.81 -35.85
C GLU A 374 -8.84 10.04 -35.13
N ALA A 375 -8.79 10.20 -33.83
CA ALA A 375 -7.76 9.56 -33.02
C ALA A 375 -8.19 8.15 -32.63
N GLY A 376 -9.38 7.75 -33.07
CA GLY A 376 -9.89 6.42 -32.82
C GLY A 376 -10.94 6.34 -31.74
N CYS A 377 -11.23 7.48 -31.11
CA CYS A 377 -12.21 7.54 -30.04
C CYS A 377 -13.63 7.62 -30.58
N ASP A 378 -14.15 6.49 -31.04
CA ASP A 378 -15.43 6.45 -31.73
C ASP A 378 -16.47 5.57 -31.03
N LEU A 379 -16.29 5.34 -29.74
CA LEU A 379 -17.23 4.53 -28.98
C LEU A 379 -18.36 5.40 -28.42
N ASP A 380 -19.29 4.78 -27.71
CA ASP A 380 -20.36 5.52 -27.05
C ASP A 380 -19.92 5.89 -25.64
N TYR A 381 -19.45 7.13 -25.47
CA TYR A 381 -18.95 7.58 -24.19
C TYR A 381 -20.04 8.28 -23.38
N CYS A 382 -21.29 7.99 -23.69
CA CYS A 382 -22.44 8.59 -23.02
C CYS A 382 -22.29 10.10 -22.94
N ALA A 383 -22.08 10.74 -24.08
CA ALA A 383 -21.72 12.14 -24.08
C ALA A 383 -22.84 13.03 -23.59
N ASN A 384 -22.49 13.86 -22.62
CA ASN A 384 -23.11 15.13 -22.30
C ASN A 384 -24.41 15.01 -21.52
N GLU A 385 -24.97 13.81 -21.49
CA GLU A 385 -26.23 13.61 -20.79
C GLU A 385 -26.30 12.23 -20.21
N ALA A 386 -26.89 12.14 -19.04
CA ALA A 386 -27.09 10.84 -18.38
C ALA A 386 -28.17 10.03 -19.08
N ARG A 387 -28.13 8.71 -18.89
CA ARG A 387 -29.13 7.83 -19.48
C ARG A 387 -29.75 6.89 -18.47
N ASP A 388 -31.06 6.68 -18.60
CA ASP A 388 -31.70 5.56 -17.94
C ASP A 388 -31.27 4.30 -18.68
N ALA A 389 -30.77 3.31 -17.93
CA ALA A 389 -30.27 2.10 -18.56
C ALA A 389 -30.30 0.92 -17.61
N GLU A 390 -30.68 -0.25 -18.12
CA GLU A 390 -30.72 -1.45 -17.31
C GLU A 390 -29.30 -1.94 -17.26
N ILE A 391 -28.69 -1.77 -16.11
CA ILE A 391 -27.32 -2.23 -15.92
C ILE A 391 -27.28 -3.49 -15.08
N ASP A 392 -26.93 -4.60 -15.70
CA ASP A 392 -26.77 -5.86 -14.98
C ASP A 392 -25.31 -6.05 -14.58
N VAL A 393 -24.41 -5.67 -15.48
CA VAL A 393 -22.99 -5.78 -15.23
C VAL A 393 -22.26 -4.48 -15.55
N ALA A 394 -21.49 -3.98 -14.60
CA ALA A 394 -20.65 -2.81 -14.81
C ALA A 394 -19.21 -3.12 -14.44
N ILE A 395 -18.27 -2.63 -15.23
CA ILE A 395 -16.86 -2.74 -14.89
C ILE A 395 -16.26 -1.35 -14.70
N SER A 396 -15.28 -1.25 -13.82
CA SER A 396 -14.60 0.02 -13.59
C SER A 396 -13.10 -0.17 -13.80
N ASN A 397 -12.51 0.64 -14.67
CA ASN A 397 -11.11 0.50 -15.01
C ASN A 397 -10.22 1.55 -14.35
N SER A 398 -9.01 1.13 -13.99
CA SER A 398 -8.01 2.06 -13.48
C SER A 398 -6.64 1.68 -14.02
N PHE A 399 -6.05 2.60 -14.78
CA PHE A 399 -4.76 2.36 -15.40
C PHE A 399 -3.76 3.41 -14.90
N GLY A 400 -2.92 3.02 -13.95
CA GLY A 400 -2.16 3.97 -13.18
C GLY A 400 -0.67 4.06 -13.44
N PHE A 401 -0.08 5.14 -12.91
CA PHE A 401 1.35 5.38 -13.02
C PHE A 401 2.14 4.20 -12.46
N GLY A 402 3.17 3.79 -13.19
CA GLY A 402 3.91 2.58 -12.89
C GLY A 402 3.43 1.47 -13.80
N GLY A 403 2.45 1.80 -14.64
CA GLY A 403 1.88 0.83 -15.57
C GLY A 403 1.10 -0.25 -14.86
N THR A 404 0.52 0.09 -13.72
CA THR A 404 -0.23 -0.89 -12.93
C THR A 404 -1.72 -0.76 -13.20
N ASN A 405 -2.36 -1.87 -13.55
CA ASN A 405 -3.76 -1.86 -13.99
C ASN A 405 -4.68 -2.67 -13.10
N GLY A 406 -5.91 -2.19 -12.94
CA GLY A 406 -6.92 -2.89 -12.18
C GLY A 406 -8.31 -2.73 -12.77
N THR A 407 -9.07 -3.82 -12.80
CA THR A 407 -10.45 -3.80 -13.26
C THR A 407 -11.36 -4.50 -12.27
N LEU A 408 -12.41 -3.82 -11.84
CA LEU A 408 -13.41 -4.42 -10.96
C LEU A 408 -14.66 -4.77 -11.75
N VAL A 409 -15.26 -5.92 -11.44
CA VAL A 409 -16.49 -6.33 -12.09
C VAL A 409 -17.62 -6.42 -11.08
N PHE A 410 -18.62 -5.57 -11.24
CA PHE A 410 -19.78 -5.58 -10.36
C PHE A 410 -21.00 -6.12 -11.11
N LYS A 411 -21.90 -6.75 -10.36
CA LYS A 411 -23.09 -7.37 -10.95
C LYS A 411 -24.31 -7.11 -10.08
N ARG A 412 -25.46 -6.92 -10.72
CA ARG A 412 -26.72 -6.78 -10.00
C ARG A 412 -26.98 -8.02 -9.16
N PHE A 413 -27.43 -7.82 -7.92
CA PHE A 413 -27.75 -8.95 -7.06
C PHE A 413 -29.25 -9.19 -7.03
N LYS A 414 -29.64 -10.44 -7.25
CA LYS A 414 -31.05 -10.82 -7.23
C LYS A 414 -31.22 -12.22 -6.64
N GLN B 3 -5.50 -25.30 -3.25
CA GLN B 3 -4.52 -26.16 -2.61
C GLN B 3 -3.12 -25.97 -3.14
N ARG B 4 -2.91 -24.95 -3.96
CA ARG B 4 -1.57 -24.65 -4.46
C ARG B 4 -0.63 -24.32 -3.32
N ARG B 5 0.63 -24.75 -3.44
CA ARG B 5 1.63 -24.47 -2.43
C ARG B 5 2.61 -23.42 -2.94
N VAL B 6 3.16 -22.63 -2.01
CA VAL B 6 4.06 -21.55 -2.37
C VAL B 6 5.42 -21.71 -1.68
N VAL B 7 6.48 -21.68 -2.48
CA VAL B 7 7.83 -21.82 -1.95
C VAL B 7 8.69 -20.60 -2.27
N ILE B 8 9.81 -20.46 -1.56
CA ILE B 8 10.71 -19.33 -1.76
C ILE B 8 11.96 -19.76 -2.52
N THR B 9 12.13 -19.22 -3.73
CA THR B 9 13.23 -19.63 -4.60
C THR B 9 14.28 -18.53 -4.80
N GLY B 10 14.07 -17.38 -4.19
CA GLY B 10 15.00 -16.27 -4.32
C GLY B 10 15.03 -15.33 -3.14
N LEU B 11 16.22 -14.89 -2.75
CA LEU B 11 16.40 -13.94 -1.65
C LEU B 11 17.21 -12.72 -2.10
N GLY B 12 16.82 -11.54 -1.62
CA GLY B 12 17.55 -10.33 -1.86
C GLY B 12 17.50 -9.40 -0.67
N GLN B 13 18.60 -8.71 -0.41
CA GLN B 13 18.69 -7.86 0.76
C GLN B 13 19.70 -6.74 0.61
N VAL B 14 19.32 -5.55 1.02
CA VAL B 14 20.24 -4.45 1.23
C VAL B 14 19.89 -3.83 2.58
N SER B 15 20.87 -3.66 3.46
CA SER B 15 20.60 -3.28 4.85
C SER B 15 21.85 -2.79 5.58
N PRO B 16 21.70 -2.29 6.82
CA PRO B 16 22.88 -1.85 7.58
C PRO B 16 23.87 -2.96 7.91
N VAL B 17 23.46 -4.22 7.79
CA VAL B 17 24.36 -5.33 8.11
C VAL B 17 24.91 -6.00 6.86
N GLY B 18 24.59 -5.47 5.68
CA GLY B 18 25.10 -6.02 4.44
C GLY B 18 24.45 -5.50 3.18
N ASN B 19 25.23 -5.45 2.10
CA ASN B 19 24.73 -5.05 0.80
C ASN B 19 24.33 -6.25 -0.05
N THR B 20 24.57 -7.45 0.49
CA THR B 20 24.08 -8.68 -0.11
C THR B 20 23.51 -9.58 0.98
N VAL B 21 22.85 -10.66 0.56
CA VAL B 21 22.29 -11.61 1.52
C VAL B 21 23.39 -12.32 2.30
N ALA B 22 24.47 -12.66 1.60
CA ALA B 22 25.60 -13.36 2.21
C ALA B 22 26.29 -12.49 3.27
N GLU B 23 26.59 -11.25 2.90
CA GLU B 23 27.23 -10.32 3.83
C GLU B 23 26.40 -10.16 5.10
N ALA B 24 25.10 -10.00 4.91
CA ALA B 24 24.16 -9.79 6.01
C ALA B 24 24.10 -10.97 6.96
N TRP B 25 23.85 -12.15 6.39
CA TRP B 25 23.70 -13.37 7.17
C TRP B 25 24.97 -13.62 7.99
N ASP B 26 26.12 -13.36 7.39
CA ASP B 26 27.39 -13.51 8.09
C ASP B 26 27.57 -12.49 9.21
N THR B 27 27.18 -11.24 8.93
CA THR B 27 27.27 -10.17 9.93
C THR B 27 26.36 -10.48 11.12
N LEU B 28 25.14 -10.91 10.82
CA LEU B 28 24.16 -11.22 11.85
C LEU B 28 24.61 -12.37 12.76
N LEU B 29 25.12 -13.44 12.15
CA LEU B 29 25.52 -14.62 12.91
C LEU B 29 26.73 -14.34 13.79
N ALA B 30 27.52 -13.33 13.43
CA ALA B 30 28.69 -12.96 14.21
C ALA B 30 28.31 -11.98 15.31
N GLY B 31 27.04 -11.58 15.34
CA GLY B 31 26.55 -10.67 16.36
C GLY B 31 27.14 -9.27 16.23
N LYS B 32 27.39 -8.85 15.00
CA LYS B 32 27.97 -7.54 14.75
C LYS B 32 26.89 -6.51 14.41
N SER B 33 27.02 -5.33 15.01
CA SER B 33 26.02 -4.28 14.86
C SER B 33 26.20 -3.48 13.58
N GLY B 34 25.08 -3.06 12.98
CA GLY B 34 25.10 -2.22 11.80
C GLY B 34 24.72 -0.80 12.12
N ILE B 35 24.70 -0.47 13.39
CA ILE B 35 24.27 0.81 13.84
C ILE B 35 25.41 1.74 14.20
N GLY B 36 25.36 2.96 13.70
CA GLY B 36 26.40 3.94 13.96
C GLY B 36 25.83 5.34 14.03
N ALA B 37 26.71 6.32 14.16
CA ALA B 37 26.30 7.72 14.14
C ALA B 37 25.71 8.06 12.78
N ILE B 38 24.70 8.93 12.77
CA ILE B 38 24.08 9.35 11.51
C ILE B 38 25.08 10.15 10.68
N THR B 39 25.34 9.69 9.46
CA THR B 39 26.28 10.36 8.57
C THR B 39 25.55 11.00 7.39
N ARG B 40 24.33 10.54 7.15
CA ARG B 40 23.54 10.95 5.98
C ARG B 40 23.25 12.44 5.97
N PHE B 41 23.03 13.01 7.15
CA PHE B 41 22.75 14.43 7.28
C PHE B 41 23.13 14.93 8.67
N ASP B 42 23.04 16.23 8.89
CA ASP B 42 23.35 16.80 10.19
C ASP B 42 22.19 16.61 11.17
N ALA B 43 22.30 15.63 12.04
CA ALA B 43 21.24 15.30 12.98
C ALA B 43 21.47 15.94 14.35
N SER B 44 22.37 16.92 14.40
CA SER B 44 22.74 17.59 15.65
C SER B 44 21.54 18.14 16.42
N ASP B 45 20.53 18.63 15.72
CA ASP B 45 19.38 19.22 16.38
C ASP B 45 18.32 18.20 16.80
N ILE B 46 18.53 16.91 16.57
CA ILE B 46 17.56 15.88 16.92
C ILE B 46 18.03 15.07 18.13
N ASN B 47 17.09 14.67 18.99
CA ASN B 47 17.46 13.97 20.22
C ASN B 47 17.98 12.55 19.97
N SER B 48 17.73 12.04 18.77
CA SER B 48 18.27 10.75 18.37
C SER B 48 19.20 10.94 17.17
N ARG B 49 20.46 10.57 17.35
CA ARG B 49 21.48 10.84 16.35
C ARG B 49 22.23 9.58 15.93
N VAL B 50 21.59 8.42 16.10
CA VAL B 50 22.15 7.16 15.64
C VAL B 50 21.17 6.51 14.68
N ALA B 51 21.68 5.66 13.80
CA ALA B 51 20.83 5.00 12.81
C ALA B 51 21.48 3.76 12.23
N GLY B 52 20.66 2.94 11.59
CA GLY B 52 21.13 1.84 10.79
C GLY B 52 21.20 2.29 9.35
N GLU B 53 22.39 2.63 8.91
CA GLU B 53 22.57 3.13 7.55
C GLU B 53 23.10 2.08 6.60
N VAL B 54 22.62 2.14 5.36
CA VAL B 54 23.21 1.36 4.28
C VAL B 54 24.52 2.01 3.89
N ARG B 55 25.59 1.21 3.79
CA ARG B 55 26.91 1.74 3.53
C ARG B 55 27.67 0.94 2.48
N GLY B 56 28.38 1.65 1.61
CA GLY B 56 29.17 1.02 0.57
C GLY B 56 28.31 0.40 -0.52
N PHE B 57 27.16 1.02 -0.76
CA PHE B 57 26.18 0.49 -1.70
C PHE B 57 26.13 1.30 -2.99
N ASP B 58 26.35 0.63 -4.11
CA ASP B 58 26.35 1.28 -5.42
C ASP B 58 25.16 0.81 -6.25
N ILE B 59 24.17 1.69 -6.39
CA ILE B 59 22.99 1.39 -7.21
C ILE B 59 23.39 1.27 -8.68
N GLY B 60 24.50 1.91 -9.05
CA GLY B 60 25.01 1.85 -10.41
C GLY B 60 25.39 0.46 -10.86
N GLN B 61 25.45 -0.46 -9.90
CA GLN B 61 25.73 -1.87 -10.19
C GLN B 61 24.50 -2.55 -10.77
N TYR B 62 23.33 -1.96 -10.55
CA TYR B 62 22.07 -2.57 -10.94
C TYR B 62 21.37 -1.82 -12.07
N ILE B 63 21.39 -0.50 -12.00
CA ILE B 63 20.83 0.34 -13.06
C ILE B 63 21.81 1.46 -13.42
N SER B 64 21.53 2.19 -14.49
CA SER B 64 22.40 3.27 -14.91
C SER B 64 22.34 4.42 -13.92
N ALA B 65 23.39 5.24 -13.90
CA ALA B 65 23.41 6.42 -13.05
C ALA B 65 22.26 7.34 -13.44
N LYS B 66 22.05 7.52 -14.72
CA LYS B 66 21.05 8.41 -15.25
C LYS B 66 19.68 8.02 -14.75
N GLU B 67 19.41 6.73 -14.73
CA GLU B 67 18.14 6.21 -14.21
C GLU B 67 17.99 6.48 -12.72
N ALA B 68 19.07 6.24 -11.98
CA ALA B 68 19.07 6.34 -10.52
C ALA B 68 18.76 7.77 -10.03
N ARG B 69 19.23 8.73 -10.79
CA ARG B 69 19.09 10.11 -10.42
C ARG B 69 17.63 10.51 -10.31
N ARG B 70 16.76 9.78 -10.96
CA ARG B 70 15.34 10.09 -11.05
C ARG B 70 14.55 9.44 -9.92
N MET B 71 15.25 8.73 -9.03
CA MET B 71 14.59 7.98 -7.96
C MET B 71 15.12 8.36 -6.58
N ASP B 72 14.23 8.38 -5.59
CA ASP B 72 14.65 8.49 -4.19
C ASP B 72 15.30 7.17 -3.78
N VAL B 73 16.04 7.17 -2.67
CA VAL B 73 16.87 6.03 -2.33
C VAL B 73 16.11 4.78 -1.90
N PHE B 74 14.88 4.93 -1.43
CA PHE B 74 14.12 3.74 -1.01
C PHE B 74 13.78 2.90 -2.24
N ILE B 75 13.61 3.55 -3.38
CA ILE B 75 13.47 2.87 -4.62
C ILE B 75 14.75 2.13 -5.03
N HIS B 76 15.91 2.76 -4.82
CA HIS B 76 17.21 2.15 -5.07
C HIS B 76 17.34 0.82 -4.34
N TYR B 77 17.05 0.85 -3.04
CA TYR B 77 17.16 -0.34 -2.19
C TYR B 77 16.21 -1.42 -2.67
N GLY B 78 14.97 -1.02 -3.00
CA GLY B 78 13.96 -1.95 -3.46
C GLY B 78 14.36 -2.64 -4.75
N ILE B 79 14.77 -1.84 -5.73
CA ILE B 79 15.19 -2.37 -7.02
C ILE B 79 16.39 -3.32 -6.88
N ALA B 80 17.41 -2.87 -6.15
CA ALA B 80 18.62 -3.66 -5.95
C ALA B 80 18.34 -5.00 -5.29
N ALA B 81 17.51 -4.98 -4.24
CA ALA B 81 17.17 -6.19 -3.51
C ALA B 81 16.28 -7.10 -4.35
N ALA B 82 15.43 -6.49 -5.17
CA ALA B 82 14.58 -7.25 -6.08
C ALA B 82 15.42 -7.99 -7.12
N LEU B 83 16.32 -7.25 -7.76
CA LEU B 83 17.19 -7.82 -8.79
C LEU B 83 18.10 -8.91 -8.21
N GLN B 84 18.46 -8.76 -6.94
CA GLN B 84 19.22 -9.80 -6.24
C GLN B 84 18.43 -11.09 -6.17
N ALA B 85 17.17 -10.97 -5.73
CA ALA B 85 16.30 -12.12 -5.55
C ALA B 85 15.98 -12.80 -6.87
N ILE B 86 15.74 -12.00 -7.90
CA ILE B 86 15.42 -12.52 -9.23
C ILE B 86 16.61 -13.28 -9.82
N ALA B 87 17.81 -12.74 -9.63
CA ALA B 87 19.03 -13.39 -10.08
C ALA B 87 19.26 -14.68 -9.31
N ASP B 88 19.00 -14.63 -8.01
CA ASP B 88 19.18 -15.79 -7.14
C ASP B 88 18.28 -16.96 -7.56
N SER B 89 17.05 -16.63 -7.94
CA SER B 89 16.07 -17.66 -8.29
C SER B 89 16.35 -18.27 -9.67
N GLY B 90 17.12 -17.56 -10.48
CA GLY B 90 17.52 -18.06 -11.78
C GLY B 90 16.48 -17.85 -12.86
N LEU B 91 15.56 -16.91 -12.63
CA LEU B 91 14.48 -16.65 -13.57
C LEU B 91 14.97 -15.93 -14.83
N ASP B 92 16.08 -15.22 -14.71
CA ASP B 92 16.67 -14.52 -15.85
C ASP B 92 17.21 -15.51 -16.89
N ASP B 93 17.37 -16.77 -16.49
CA ASP B 93 17.95 -17.78 -17.36
C ASP B 93 16.94 -18.81 -17.88
N VAL B 94 15.68 -18.64 -17.51
CA VAL B 94 14.64 -19.56 -17.96
C VAL B 94 14.16 -19.18 -19.36
N GLU B 95 14.36 -20.08 -20.32
CA GLU B 95 13.91 -19.83 -21.68
C GLU B 95 12.40 -20.01 -21.80
N ASN B 96 11.78 -19.12 -22.57
CA ASN B 96 10.32 -19.05 -22.70
C ASN B 96 9.61 -18.95 -21.36
N LEU B 97 10.20 -18.18 -20.45
CA LEU B 97 9.57 -17.84 -19.18
C LEU B 97 8.28 -17.07 -19.44
N ASP B 98 7.19 -17.50 -18.83
CA ASP B 98 5.91 -16.80 -19.00
C ASP B 98 5.85 -15.59 -18.08
N LYS B 99 6.27 -14.44 -18.61
CA LYS B 99 6.36 -13.22 -17.81
C LYS B 99 5.00 -12.60 -17.54
N ASP B 100 3.96 -13.08 -18.22
CA ASP B 100 2.61 -12.61 -17.97
C ASP B 100 2.07 -13.14 -16.64
N ARG B 101 2.73 -14.18 -16.14
CA ARG B 101 2.31 -14.83 -14.90
C ARG B 101 3.20 -14.41 -13.73
N ILE B 102 3.97 -13.35 -13.92
CA ILE B 102 4.90 -12.89 -12.89
C ILE B 102 4.54 -11.48 -12.42
N GLY B 103 4.35 -11.33 -11.12
CA GLY B 103 3.97 -10.04 -10.56
C GLY B 103 4.93 -9.52 -9.51
N VAL B 104 4.75 -8.27 -9.11
CA VAL B 104 5.63 -7.63 -8.14
C VAL B 104 4.83 -6.86 -7.09
N ASN B 105 5.08 -7.17 -5.82
CA ASN B 105 4.39 -6.48 -4.73
C ASN B 105 5.38 -6.03 -3.66
N ILE B 106 5.93 -4.84 -3.83
CA ILE B 106 6.89 -4.28 -2.89
C ILE B 106 6.36 -3.00 -2.27
N GLY B 107 6.32 -2.96 -0.94
CA GLY B 107 5.78 -1.80 -0.25
C GLY B 107 6.81 -0.95 0.45
N SER B 108 6.35 0.15 1.03
CA SER B 108 7.17 1.01 1.85
C SER B 108 6.29 1.64 2.92
N GLY B 109 6.88 1.98 4.05
CA GLY B 109 6.12 2.60 5.13
C GLY B 109 5.89 4.07 4.90
N ILE B 110 6.92 4.75 4.40
CA ILE B 110 6.89 6.21 4.28
C ILE B 110 7.22 6.68 2.86
N GLY B 111 8.11 5.96 2.19
CA GLY B 111 8.44 6.27 0.81
C GLY B 111 9.44 7.41 0.65
N GLY B 112 9.22 8.25 -0.35
CA GLY B 112 10.18 9.25 -0.78
C GLY B 112 10.29 10.51 0.04
N LEU B 113 10.38 10.37 1.35
CA LEU B 113 10.45 11.50 2.23
C LEU B 113 11.70 12.37 2.01
N PRO B 114 12.86 11.80 1.80
CA PRO B 114 14.04 12.66 1.57
C PRO B 114 13.94 13.58 0.33
N SER B 115 13.42 13.06 -0.79
CA SER B 115 13.34 13.86 -2.00
C SER B 115 12.27 14.94 -1.88
N ILE B 116 11.24 14.65 -1.10
CA ILE B 116 10.18 15.62 -0.84
C ILE B 116 10.76 16.79 -0.05
N GLU B 117 11.62 16.47 0.92
CA GLU B 117 12.28 17.50 1.71
C GLU B 117 13.22 18.33 0.84
N VAL B 118 13.96 17.67 -0.04
CA VAL B 118 14.88 18.33 -0.95
C VAL B 118 14.12 19.27 -1.91
N THR B 119 13.10 18.72 -2.56
CA THR B 119 12.31 19.48 -3.52
C THR B 119 11.60 20.64 -2.84
N GLY B 120 11.07 20.40 -1.65
CA GLY B 120 10.37 21.42 -0.89
C GLY B 120 11.25 22.61 -0.58
N LYS B 121 12.52 22.35 -0.29
CA LYS B 121 13.48 23.40 0.01
C LYS B 121 13.80 24.18 -1.26
N ALA B 122 13.99 23.46 -2.35
CA ALA B 122 14.28 24.08 -3.64
C ALA B 122 13.13 24.98 -4.09
N VAL B 123 11.90 24.56 -3.79
CA VAL B 123 10.72 25.35 -4.11
C VAL B 123 10.67 26.61 -3.24
N ILE B 124 11.00 26.46 -1.96
CA ILE B 124 11.09 27.59 -1.05
C ILE B 124 12.13 28.59 -1.56
N GLU B 125 13.23 28.07 -2.08
CA GLU B 125 14.35 28.91 -2.50
C GLU B 125 14.19 29.49 -3.91
N GLY B 126 13.40 28.84 -4.76
CA GLY B 126 13.31 29.24 -6.15
C GLY B 126 11.98 29.07 -6.86
N GLY B 127 10.94 28.68 -6.14
CA GLY B 127 9.62 28.54 -6.74
C GLY B 127 9.37 27.20 -7.39
N ALA B 128 8.19 27.07 -7.98
CA ALA B 128 7.75 25.85 -8.60
C ALA B 128 8.57 25.32 -9.75
N ARG B 129 9.33 26.19 -10.38
CA ARG B 129 10.16 25.84 -11.52
C ARG B 129 11.14 24.78 -11.09
N LYS B 130 11.56 24.87 -9.84
CA LYS B 130 12.55 23.97 -9.29
C LYS B 130 12.17 22.49 -9.34
N ILE B 131 10.90 22.19 -9.33
CA ILE B 131 10.40 20.83 -9.32
C ILE B 131 10.83 20.09 -10.57
N ASN B 132 11.62 19.04 -10.39
CA ASN B 132 12.06 18.19 -11.48
C ASN B 132 10.87 17.43 -12.06
N PRO B 133 10.88 17.17 -13.37
CA PRO B 133 9.80 16.38 -13.99
C PRO B 133 9.67 14.97 -13.42
N PHE B 134 10.72 14.47 -12.78
CA PHE B 134 10.69 13.12 -12.22
C PHE B 134 10.49 13.12 -10.71
N PHE B 135 10.10 14.26 -10.16
CA PHE B 135 9.88 14.36 -8.72
C PHE B 135 8.78 13.42 -8.24
N ILE B 136 7.62 13.49 -8.89
CA ILE B 136 6.52 12.60 -8.53
C ILE B 136 6.78 11.13 -8.74
N PRO B 137 7.22 10.71 -9.91
CA PRO B 137 7.48 9.27 -10.02
C PRO B 137 8.64 8.81 -9.14
N GLY B 138 9.57 9.71 -8.87
CA GLY B 138 10.73 9.37 -8.05
C GLY B 138 10.40 9.15 -6.58
N SER B 139 9.20 9.50 -6.18
CA SER B 139 8.81 9.40 -4.77
C SER B 139 7.61 8.49 -4.53
N LEU B 140 6.95 8.08 -5.61
CA LEU B 140 5.79 7.20 -5.50
C LEU B 140 6.20 5.80 -5.02
N ILE B 141 5.56 5.35 -3.95
CA ILE B 141 5.88 4.07 -3.32
C ILE B 141 5.71 2.89 -4.28
N ASN B 142 4.66 2.91 -5.09
CA ASN B 142 4.37 1.80 -5.99
C ASN B 142 5.30 1.75 -7.21
N LEU B 143 6.21 2.70 -7.32
CA LEU B 143 7.09 2.75 -8.48
C LEU B 143 8.29 1.82 -8.33
N ILE B 144 8.45 1.22 -7.14
CA ILE B 144 9.43 0.14 -6.98
C ILE B 144 8.99 -1.02 -7.85
N SER B 145 7.74 -1.46 -7.65
CA SER B 145 7.15 -2.50 -8.45
C SER B 145 7.13 -2.09 -9.92
N GLY B 146 6.84 -0.82 -10.16
CA GLY B 146 6.79 -0.28 -11.51
C GLY B 146 8.08 -0.47 -12.28
N HIS B 147 9.20 -0.06 -11.67
CA HIS B 147 10.50 -0.15 -12.32
C HIS B 147 10.93 -1.61 -12.51
N VAL B 148 10.57 -2.48 -11.57
CA VAL B 148 10.96 -3.88 -11.67
C VAL B 148 10.22 -4.60 -12.80
N THR B 149 8.91 -4.38 -12.90
CA THR B 149 8.12 -4.97 -13.98
C THR B 149 8.66 -4.54 -15.33
N ILE B 150 8.97 -3.25 -15.45
CA ILE B 150 9.48 -2.68 -16.69
C ILE B 150 10.87 -3.22 -17.03
N LEU B 151 11.75 -3.29 -16.03
CA LEU B 151 13.10 -3.82 -16.23
C LEU B 151 13.10 -5.27 -16.68
N LYS B 152 12.17 -6.06 -16.14
CA LYS B 152 12.11 -7.50 -16.41
C LYS B 152 11.03 -7.96 -17.38
N GLY B 153 10.04 -7.12 -17.63
CA GLY B 153 8.98 -7.47 -18.57
C GLY B 153 7.86 -8.27 -17.95
N TYR B 154 7.71 -8.15 -16.63
CA TYR B 154 6.65 -8.85 -15.90
C TYR B 154 5.31 -8.14 -16.09
N ARG B 155 4.27 -8.89 -16.44
CA ARG B 155 2.96 -8.28 -16.70
C ARG B 155 1.86 -8.82 -15.78
N GLY B 156 2.25 -9.48 -14.70
CA GLY B 156 1.30 -9.95 -13.71
C GLY B 156 0.87 -8.79 -12.81
N PRO B 157 0.15 -9.10 -11.72
CA PRO B 157 -0.29 -8.07 -10.78
C PRO B 157 0.88 -7.28 -10.19
N SER B 158 0.74 -5.96 -10.09
CA SER B 158 1.77 -5.17 -9.44
C SER B 158 1.17 -4.00 -8.68
N TYR B 159 1.63 -3.84 -7.44
CA TYR B 159 1.23 -2.76 -6.54
C TYR B 159 2.15 -2.72 -5.33
N GLY B 160 1.90 -1.78 -4.42
CA GLY B 160 2.64 -1.73 -3.17
C GLY B 160 1.70 -1.71 -1.97
N MET B 161 2.15 -2.17 -0.84
CA MET B 161 1.32 -1.99 0.30
C MET B 161 1.97 -1.06 1.27
N VAL B 162 1.17 -0.52 2.16
CA VAL B 162 1.68 0.33 3.22
C VAL B 162 1.03 -0.06 4.53
N SER B 163 1.85 -0.53 5.47
CA SER B 163 1.37 -0.85 6.80
C SER B 163 2.44 -0.52 7.84
N ALA B 164 3.22 0.52 7.59
CA ALA B 164 4.28 0.89 8.51
C ALA B 164 5.26 -0.28 8.70
N CYS B 165 5.43 -0.68 9.95
CA CYS B 165 6.39 -1.69 10.38
C CYS B 165 6.06 -3.06 9.83
N THR B 166 4.83 -3.23 9.44
CA THR B 166 4.30 -4.52 9.02
C THR B 166 4.25 -4.64 7.48
N THR B 167 4.60 -3.55 6.80
CA THR B 167 4.50 -3.45 5.35
C THR B 167 5.09 -4.65 4.60
N GLY B 168 6.34 -4.98 4.89
CA GLY B 168 7.02 -6.08 4.24
C GLY B 168 6.39 -7.44 4.48
N ALA B 169 5.79 -7.60 5.66
CA ALA B 169 5.11 -8.85 6.01
C ALA B 169 3.82 -9.00 5.23
N HIS B 170 3.06 -7.91 5.16
CA HIS B 170 1.79 -7.91 4.43
C HIS B 170 2.01 -8.12 2.94
N ALA B 171 3.08 -7.55 2.40
CA ALA B 171 3.41 -7.68 0.99
C ALA B 171 3.71 -9.13 0.62
N ILE B 172 4.49 -9.79 1.47
CA ILE B 172 4.88 -11.18 1.25
C ILE B 172 3.68 -12.11 1.39
N GLY B 173 2.92 -11.95 2.47
CA GLY B 173 1.75 -12.76 2.70
C GLY B 173 0.70 -12.60 1.62
N ASN B 174 0.40 -11.36 1.26
CA ASN B 174 -0.55 -11.07 0.20
C ASN B 174 -0.13 -11.69 -1.13
N SER B 175 1.17 -11.62 -1.41
CA SER B 175 1.70 -12.17 -2.65
C SER B 175 1.54 -13.68 -2.70
N ALA B 176 1.69 -14.33 -1.55
CA ALA B 176 1.50 -15.77 -1.46
C ALA B 176 0.03 -16.12 -1.70
N ARG B 177 -0.85 -15.25 -1.23
CA ARG B 177 -2.29 -15.43 -1.45
C ARG B 177 -2.64 -15.29 -2.93
N LEU B 178 -2.00 -14.32 -3.58
CA LEU B 178 -2.19 -14.11 -5.02
C LEU B 178 -1.84 -15.36 -5.80
N ILE B 179 -0.70 -15.94 -5.49
CA ILE B 179 -0.23 -17.15 -6.17
C ILE B 179 -1.16 -18.32 -5.90
N LYS B 180 -1.59 -18.47 -4.65
CA LYS B 180 -2.53 -19.53 -4.28
C LYS B 180 -3.87 -19.38 -4.98
N TYR B 181 -4.35 -18.15 -5.11
CA TYR B 181 -5.62 -17.88 -5.76
C TYR B 181 -5.56 -18.21 -7.24
N GLY B 182 -4.39 -18.04 -7.84
CA GLY B 182 -4.17 -18.40 -9.22
C GLY B 182 -3.90 -17.22 -10.15
N ASP B 183 -3.83 -16.03 -9.56
CA ASP B 183 -3.62 -14.82 -10.36
C ASP B 183 -2.16 -14.66 -10.81
N ALA B 184 -1.28 -15.47 -10.25
CA ALA B 184 0.13 -15.45 -10.64
C ALA B 184 0.83 -16.75 -10.23
N ASP B 185 1.92 -17.06 -10.91
CA ASP B 185 2.72 -18.23 -10.57
C ASP B 185 3.99 -17.79 -9.83
N ILE B 186 4.40 -16.55 -10.06
CA ILE B 186 5.57 -15.98 -9.41
C ILE B 186 5.26 -14.57 -8.92
N MET B 187 5.66 -14.27 -7.69
CA MET B 187 5.55 -12.92 -7.16
C MET B 187 6.88 -12.49 -6.55
N VAL B 188 7.31 -11.28 -6.89
CA VAL B 188 8.46 -10.66 -6.25
C VAL B 188 7.94 -9.73 -5.15
N ALA B 189 8.24 -10.05 -3.90
CA ALA B 189 7.59 -9.36 -2.79
C ALA B 189 8.53 -9.02 -1.64
N GLY B 190 8.26 -7.88 -1.00
CA GLY B 190 9.03 -7.43 0.14
C GLY B 190 8.72 -5.99 0.51
N GLY B 191 9.70 -5.31 1.09
CA GLY B 191 9.54 -3.93 1.49
C GLY B 191 10.83 -3.16 1.37
N ALA B 192 10.72 -1.83 1.25
CA ALA B 192 11.88 -0.97 1.14
C ALA B 192 11.64 0.32 1.92
N GLU B 193 12.70 0.87 2.50
CA GLU B 193 12.56 2.11 3.26
C GLU B 193 13.85 2.93 3.21
N GLY B 194 13.68 4.25 3.08
CA GLY B 194 14.80 5.17 3.08
C GLY B 194 14.37 6.50 3.65
N ALA B 195 14.25 6.56 4.98
CA ALA B 195 13.78 7.77 5.64
C ALA B 195 14.81 8.35 6.59
N ILE B 196 16.08 8.08 6.32
CA ILE B 196 17.16 8.71 7.08
C ILE B 196 17.28 10.15 6.59
N SER B 197 16.40 11.00 7.11
CA SER B 197 16.38 12.41 6.75
C SER B 197 15.92 13.22 7.95
N THR B 198 15.96 14.54 7.84
CA THR B 198 15.55 15.43 8.92
C THR B 198 14.13 15.13 9.37
N LEU B 199 13.21 14.99 8.43
CA LEU B 199 11.80 14.76 8.74
C LEU B 199 11.53 13.32 9.14
N GLY B 200 12.34 12.40 8.62
CA GLY B 200 12.20 11.00 8.97
C GLY B 200 12.64 10.72 10.39
N VAL B 201 13.91 10.99 10.67
CA VAL B 201 14.47 10.80 12.00
C VAL B 201 13.85 11.76 13.00
N GLY B 202 13.70 13.02 12.59
CA GLY B 202 13.12 14.04 13.44
C GLY B 202 11.66 13.77 13.75
N GLY B 203 10.98 13.11 12.82
CA GLY B 203 9.58 12.76 13.00
C GLY B 203 9.36 11.74 14.10
N PHE B 204 10.18 10.68 14.09
CA PHE B 204 10.07 9.63 15.09
C PHE B 204 10.63 10.08 16.44
N ALA B 205 11.55 11.05 16.40
CA ALA B 205 12.12 11.61 17.62
C ALA B 205 11.12 12.51 18.32
N ALA B 206 10.31 13.21 17.53
CA ALA B 206 9.26 14.07 18.06
C ALA B 206 8.19 13.24 18.75
N MET B 207 8.16 11.95 18.44
CA MET B 207 7.23 10.98 19.05
C MET B 207 7.90 10.32 20.26
N LYS B 208 9.08 10.81 20.63
CA LYS B 208 9.84 10.23 21.73
C LYS B 208 10.00 8.72 21.54
N ALA B 209 10.06 8.29 20.29
CA ALA B 209 10.05 6.87 19.95
C ALA B 209 11.46 6.29 19.80
N LEU B 210 12.43 7.15 19.53
CA LEU B 210 13.79 6.70 19.25
C LEU B 210 14.70 6.70 20.47
N SER B 211 15.71 5.84 20.44
CA SER B 211 16.74 5.81 21.48
C SER B 211 17.55 7.10 21.46
N THR B 212 17.95 7.57 22.64
CA THR B 212 18.78 8.76 22.75
C THR B 212 20.17 8.43 23.27
N ARG B 213 20.56 7.17 23.12
CA ARG B 213 21.88 6.74 23.58
C ARG B 213 22.93 7.05 22.50
N ASN B 214 23.13 8.34 22.27
CA ASN B 214 23.99 8.81 21.18
C ASN B 214 25.48 8.63 21.46
N ASP B 215 25.86 8.54 22.73
CA ASP B 215 27.25 8.33 23.09
C ASP B 215 27.75 6.92 22.83
N ASP B 216 26.82 6.00 22.66
CA ASP B 216 27.14 4.59 22.56
C ASP B 216 26.27 3.88 21.53
N PRO B 217 26.44 4.23 20.24
CA PRO B 217 25.54 3.79 19.15
C PRO B 217 25.43 2.28 19.01
N ALA B 218 26.51 1.56 19.35
CA ALA B 218 26.55 0.11 19.15
C ALA B 218 25.59 -0.64 20.07
N THR B 219 25.25 -0.05 21.21
CA THR B 219 24.37 -0.72 22.16
C THR B 219 23.05 0.02 22.36
N ALA B 220 22.76 0.97 21.49
CA ALA B 220 21.52 1.74 21.58
C ALA B 220 20.31 0.85 21.33
N SER B 221 20.44 -0.06 20.38
CA SER B 221 19.39 -1.05 20.12
C SER B 221 19.65 -2.29 20.98
N ARG B 222 18.81 -2.48 21.99
CA ARG B 222 19.01 -3.56 22.95
C ARG B 222 17.70 -4.18 23.42
N PRO B 223 17.04 -4.96 22.55
CA PRO B 223 15.73 -5.54 22.86
C PRO B 223 15.71 -6.36 24.15
N TRP B 224 14.69 -6.12 24.96
CA TRP B 224 14.46 -6.84 26.22
C TRP B 224 15.53 -6.59 27.27
N ASP B 225 16.40 -5.61 27.04
CA ASP B 225 17.38 -5.23 28.05
C ASP B 225 16.79 -4.22 29.02
N LYS B 226 17.26 -4.27 30.26
CA LYS B 226 16.81 -3.36 31.31
C LYS B 226 16.95 -1.89 30.92
N GLY B 227 17.97 -1.58 30.12
CA GLY B 227 18.28 -0.20 29.78
C GLY B 227 17.77 0.30 28.45
N ARG B 228 16.94 -0.47 27.77
CA ARG B 228 16.40 -0.08 26.47
C ARG B 228 15.58 1.21 26.57
N ASP B 229 15.71 2.08 25.56
CA ASP B 229 15.04 3.37 25.57
C ASP B 229 14.43 3.86 24.23
N GLY B 230 13.89 2.95 23.42
CA GLY B 230 13.34 3.33 22.14
C GLY B 230 14.07 2.67 20.99
N PHE B 231 13.46 2.62 19.81
CA PHE B 231 14.09 1.90 18.71
C PHE B 231 15.08 2.76 17.95
N VAL B 232 15.95 2.09 17.19
CA VAL B 232 16.92 2.77 16.34
C VAL B 232 16.46 2.67 14.89
N ILE B 233 16.27 3.81 14.25
CA ILE B 233 15.74 3.81 12.88
C ILE B 233 16.78 3.27 11.91
N GLY B 234 16.31 2.46 10.96
CA GLY B 234 17.18 1.88 9.95
C GLY B 234 16.61 2.07 8.56
N GLU B 235 17.41 1.73 7.56
CA GLU B 235 16.99 1.85 6.17
C GLU B 235 17.42 0.63 5.37
N GLY B 236 16.76 0.38 4.24
CA GLY B 236 17.14 -0.73 3.39
C GLY B 236 15.95 -1.42 2.72
N ALA B 237 16.14 -2.68 2.35
CA ALA B 237 15.11 -3.45 1.66
C ALA B 237 15.35 -4.95 1.73
N GLY B 238 14.25 -5.71 1.80
CA GLY B 238 14.32 -7.16 1.80
C GLY B 238 13.28 -7.75 0.86
N ILE B 239 13.72 -8.65 -0.02
CA ILE B 239 12.86 -9.16 -1.08
C ILE B 239 12.87 -10.69 -1.20
N LEU B 240 11.70 -11.27 -1.36
CA LEU B 240 11.56 -12.70 -1.65
C LEU B 240 11.11 -12.93 -3.08
N VAL B 241 11.55 -14.04 -3.68
CA VAL B 241 10.89 -14.54 -4.88
C VAL B 241 9.98 -15.68 -4.48
N LEU B 242 8.67 -15.46 -4.58
CA LEU B 242 7.70 -16.47 -4.26
C LEU B 242 7.27 -17.19 -5.53
N GLU B 243 7.11 -18.51 -5.43
CA GLU B 243 6.84 -19.32 -6.61
C GLU B 243 5.96 -20.51 -6.27
N GLU B 244 4.95 -20.76 -7.12
CA GLU B 244 4.09 -21.93 -6.96
C GLU B 244 4.95 -23.18 -7.03
N LEU B 245 4.64 -24.16 -6.20
CA LEU B 245 5.50 -25.33 -6.00
C LEU B 245 5.82 -26.11 -7.28
N GLU B 246 4.78 -26.51 -8.00
CA GLU B 246 4.96 -27.33 -9.19
C GLU B 246 5.73 -26.58 -10.27
N HIS B 247 5.52 -25.27 -10.35
CA HIS B 247 6.25 -24.42 -11.29
C HIS B 247 7.73 -24.43 -10.96
N ALA B 248 8.04 -24.38 -9.67
CA ALA B 248 9.43 -24.39 -9.22
C ALA B 248 10.07 -25.76 -9.40
N LYS B 249 9.33 -26.80 -9.05
CA LYS B 249 9.85 -28.16 -9.17
C LYS B 249 10.07 -28.56 -10.62
N LYS B 250 9.25 -28.04 -11.53
CA LYS B 250 9.33 -28.42 -12.93
C LYS B 250 10.61 -27.90 -13.59
N ARG B 251 10.98 -26.69 -13.23
CA ARG B 251 12.31 -26.19 -13.53
C ARG B 251 13.21 -26.73 -12.44
N GLY B 252 14.51 -26.49 -12.54
CA GLY B 252 15.40 -26.94 -11.48
C GLY B 252 15.57 -25.94 -10.35
N ALA B 253 14.46 -25.48 -9.77
CA ALA B 253 14.56 -24.41 -8.81
C ALA B 253 15.10 -24.86 -7.49
N LYS B 254 16.03 -24.10 -6.96
CA LYS B 254 16.44 -24.30 -5.57
C LYS B 254 15.37 -23.72 -4.64
N ILE B 255 14.95 -24.50 -3.65
CA ILE B 255 13.91 -24.05 -2.73
C ILE B 255 14.46 -23.83 -1.33
N TYR B 256 14.38 -22.59 -0.85
CA TYR B 256 14.86 -22.24 0.47
C TYR B 256 13.93 -22.76 1.56
N ALA B 257 12.63 -22.57 1.35
CA ALA B 257 11.61 -22.95 2.32
C ALA B 257 10.22 -22.84 1.70
N GLU B 258 9.20 -23.14 2.50
CA GLU B 258 7.82 -22.96 2.08
C GLU B 258 7.12 -21.99 3.03
N ILE B 259 6.34 -21.07 2.47
CA ILE B 259 5.49 -20.24 3.30
C ILE B 259 4.14 -20.93 3.44
N VAL B 260 3.79 -21.27 4.67
CA VAL B 260 2.61 -22.09 4.92
C VAL B 260 1.50 -21.33 5.65
N GLY B 261 1.82 -20.15 6.17
CA GLY B 261 0.86 -19.40 6.96
C GLY B 261 0.98 -17.89 6.91
N PHE B 262 -0.16 -17.22 7.01
CA PHE B 262 -0.24 -15.77 6.98
C PHE B 262 -1.36 -15.29 7.90
N GLY B 263 -1.01 -14.52 8.92
CA GLY B 263 -1.99 -14.05 9.89
C GLY B 263 -2.02 -12.54 10.04
N MET B 264 -3.23 -11.98 10.08
CA MET B 264 -3.40 -10.53 10.19
C MET B 264 -4.38 -10.15 11.29
N SER B 265 -4.15 -9.02 11.93
CA SER B 265 -5.08 -8.49 12.93
C SER B 265 -4.85 -7.01 13.19
N SER B 266 -5.79 -6.42 13.94
CA SER B 266 -5.67 -5.03 14.36
C SER B 266 -5.90 -4.94 15.86
N ASP B 267 -5.12 -4.09 16.53
CA ASP B 267 -5.28 -3.90 17.97
C ASP B 267 -6.60 -3.19 18.27
N ALA B 268 -6.97 -2.23 17.44
CA ALA B 268 -8.11 -1.38 17.68
C ALA B 268 -7.95 -0.74 19.05
N TYR B 269 -6.73 -0.37 19.38
CA TYR B 269 -6.43 0.19 20.69
C TYR B 269 -5.71 1.54 20.68
N HIS B 270 -4.44 1.52 20.30
CA HIS B 270 -3.60 2.71 20.30
C HIS B 270 -2.95 2.89 18.94
N ILE B 271 -2.79 4.13 18.51
CA ILE B 271 -2.16 4.43 17.23
C ILE B 271 -0.70 4.01 17.09
N THR B 272 0.06 4.14 18.16
CA THR B 272 1.51 3.94 18.10
C THR B 272 2.06 3.05 19.22
N ALA B 273 1.18 2.36 19.93
CA ALA B 273 1.61 1.47 20.99
C ALA B 273 0.85 0.14 20.96
N PRO B 274 1.57 -0.96 20.72
CA PRO B 274 0.96 -2.29 20.67
C PRO B 274 0.35 -2.72 22.01
N ASN B 275 -0.77 -3.42 21.93
CA ASN B 275 -1.38 -4.09 23.07
C ASN B 275 -1.04 -5.58 23.06
N GLU B 276 -1.46 -6.32 24.08
CA GLU B 276 -1.25 -7.77 24.10
C GLU B 276 -2.07 -8.62 23.14
N GLU B 277 -3.36 -8.36 23.10
CA GLU B 277 -4.29 -9.23 22.40
C GLU B 277 -4.19 -9.15 20.88
N GLY B 278 -3.97 -7.95 20.36
CA GLY B 278 -3.84 -7.72 18.93
C GLY B 278 -2.77 -8.59 18.28
N PRO B 279 -1.51 -8.43 18.69
CA PRO B 279 -0.41 -9.27 18.20
C PRO B 279 -0.65 -10.76 18.44
N ALA B 280 -1.26 -11.11 19.58
CA ALA B 280 -1.59 -12.49 19.89
C ALA B 280 -2.55 -13.06 18.85
N LEU B 281 -3.53 -12.25 18.45
CA LEU B 281 -4.49 -12.63 17.43
C LEU B 281 -3.81 -12.99 16.11
N ALA B 282 -2.86 -12.17 15.69
CA ALA B 282 -2.18 -12.36 14.42
C ALA B 282 -1.37 -13.65 14.39
N VAL B 283 -0.69 -13.93 15.50
CA VAL B 283 0.09 -15.15 15.62
C VAL B 283 -0.80 -16.39 15.58
N THR B 284 -1.89 -16.35 16.33
CA THR B 284 -2.86 -17.44 16.38
C THR B 284 -3.48 -17.70 15.01
N ARG B 285 -3.85 -16.62 14.31
CA ARG B 285 -4.46 -16.73 12.99
C ARG B 285 -3.49 -17.29 11.96
N ALA B 286 -2.23 -16.89 12.07
CA ALA B 286 -1.20 -17.38 11.16
C ALA B 286 -0.99 -18.89 11.32
N LEU B 287 -1.02 -19.35 12.56
CA LEU B 287 -0.80 -20.76 12.86
C LEU B 287 -1.99 -21.61 12.44
N LYS B 288 -3.20 -21.08 12.59
CA LYS B 288 -4.39 -21.78 12.13
C LYS B 288 -4.42 -21.86 10.62
N ASP B 289 -3.99 -20.79 9.96
CA ASP B 289 -3.87 -20.76 8.50
C ASP B 289 -2.93 -21.85 8.03
N ALA B 290 -1.85 -22.06 8.78
CA ALA B 290 -0.84 -23.04 8.42
C ALA B 290 -1.22 -24.43 8.91
N GLY B 291 -2.21 -24.51 9.78
CA GLY B 291 -2.62 -25.79 10.34
C GLY B 291 -1.54 -26.37 11.23
N ILE B 292 -0.91 -25.50 12.01
CA ILE B 292 0.23 -25.88 12.85
C ILE B 292 0.01 -25.47 14.30
N ASN B 293 0.34 -26.36 15.23
CA ASN B 293 0.27 -26.04 16.65
C ASN B 293 1.44 -25.17 17.09
N PRO B 294 1.21 -24.29 18.08
CA PRO B 294 2.27 -23.46 18.66
C PRO B 294 3.50 -24.27 19.07
N GLU B 295 3.29 -25.48 19.55
CA GLU B 295 4.39 -26.32 20.03
C GLU B 295 5.37 -26.69 18.91
N ASP B 296 4.94 -26.54 17.67
CA ASP B 296 5.78 -26.92 16.53
C ASP B 296 6.66 -25.77 16.03
N VAL B 297 6.57 -24.62 16.69
CA VAL B 297 7.35 -23.45 16.28
C VAL B 297 8.73 -23.45 16.92
N ASP B 298 9.75 -23.60 16.09
CA ASP B 298 11.13 -23.71 16.56
C ASP B 298 11.80 -22.36 16.79
N TYR B 299 11.41 -21.36 16.00
CA TYR B 299 12.05 -20.06 16.07
C TYR B 299 11.08 -18.92 15.79
N VAL B 300 11.18 -17.86 16.60
CA VAL B 300 10.39 -16.67 16.41
C VAL B 300 11.28 -15.47 16.14
N ASN B 301 11.24 -14.95 14.91
CA ASN B 301 11.89 -13.67 14.63
C ASN B 301 10.96 -12.56 15.08
N ALA B 302 11.30 -11.95 16.21
CA ALA B 302 10.39 -11.03 16.89
C ALA B 302 10.28 -9.68 16.20
N HIS B 303 9.26 -8.93 16.61
CA HIS B 303 9.18 -7.51 16.29
C HIS B 303 10.36 -6.83 16.96
N GLY B 304 10.39 -6.92 18.29
CA GLY B 304 11.53 -6.54 19.12
C GLY B 304 12.28 -5.28 18.75
N THR B 305 11.61 -4.15 18.86
CA THR B 305 12.17 -2.88 18.41
C THR B 305 13.06 -2.18 19.45
N SER B 306 13.18 -2.77 20.65
CA SER B 306 13.92 -2.17 21.76
C SER B 306 13.23 -1.07 22.57
N THR B 307 11.90 -1.11 22.63
CA THR B 307 11.11 -0.10 23.33
C THR B 307 10.70 -0.63 24.71
N PRO B 308 10.65 0.25 25.72
CA PRO B 308 10.30 -0.17 27.08
C PRO B 308 8.96 -0.90 27.16
N LEU B 309 7.93 -0.37 26.51
CA LEU B 309 6.61 -1.00 26.56
C LEU B 309 6.46 -2.09 25.50
N GLY B 310 6.95 -1.84 24.30
CA GLY B 310 6.77 -2.75 23.19
C GLY B 310 7.35 -4.13 23.40
N ASP B 311 8.60 -4.18 23.86
CA ASP B 311 9.26 -5.45 24.08
C ASP B 311 8.57 -6.29 25.16
N ALA B 312 8.04 -5.62 26.17
CA ALA B 312 7.37 -6.29 27.27
C ALA B 312 5.99 -6.80 26.85
N ASN B 313 5.26 -5.99 26.10
CA ASN B 313 3.98 -6.39 25.56
C ASN B 313 4.09 -7.53 24.57
N GLU B 314 5.12 -7.50 23.76
CA GLU B 314 5.34 -8.56 22.78
C GLU B 314 5.55 -9.90 23.47
N THR B 315 6.25 -9.87 24.60
CA THR B 315 6.48 -11.07 25.40
C THR B 315 5.15 -11.61 25.94
N LYS B 316 4.31 -10.71 26.45
CA LYS B 316 3.00 -11.08 26.95
C LYS B 316 2.12 -11.63 25.84
N ALA B 317 2.25 -11.05 24.64
CA ALA B 317 1.48 -11.49 23.49
C ALA B 317 1.88 -12.90 23.07
N LEU B 318 3.18 -13.17 23.05
CA LEU B 318 3.68 -14.50 22.73
C LEU B 318 3.19 -15.53 23.74
N LYS B 319 3.19 -15.16 25.02
CA LYS B 319 2.73 -16.05 26.09
C LYS B 319 1.23 -16.37 25.92
N ARG B 320 0.44 -15.39 25.45
CA ARG B 320 -0.97 -15.60 25.18
C ARG B 320 -1.16 -16.60 24.04
N ALA B 321 -0.40 -16.39 22.97
CA ALA B 321 -0.56 -17.19 21.76
C ALA B 321 0.06 -18.58 21.87
N PHE B 322 1.21 -18.67 22.54
CA PHE B 322 1.96 -19.93 22.59
C PHE B 322 1.71 -20.73 23.86
N GLY B 323 1.14 -20.10 24.87
CA GLY B 323 0.96 -20.76 26.16
C GLY B 323 2.31 -21.11 26.76
N GLU B 324 2.43 -22.34 27.24
CA GLU B 324 3.67 -22.81 27.86
C GLU B 324 4.82 -22.85 26.86
N HIS B 325 4.51 -23.01 25.58
CA HIS B 325 5.55 -23.14 24.56
C HIS B 325 6.31 -21.83 24.35
N ALA B 326 5.82 -20.74 24.92
CA ALA B 326 6.53 -19.48 24.89
C ALA B 326 7.92 -19.65 25.53
N TYR B 327 7.97 -20.52 26.53
CA TYR B 327 9.21 -20.78 27.25
C TYR B 327 10.07 -21.86 26.60
N LYS B 328 9.52 -22.55 25.60
CA LYS B 328 10.24 -23.64 24.95
C LYS B 328 10.90 -23.20 23.66
N THR B 329 10.20 -22.38 22.88
CA THR B 329 10.71 -21.89 21.61
C THR B 329 11.88 -20.95 21.81
N VAL B 330 12.54 -20.56 20.72
CA VAL B 330 13.62 -19.58 20.77
C VAL B 330 13.21 -18.31 20.03
N VAL B 331 13.27 -17.19 20.74
CA VAL B 331 12.97 -15.89 20.16
C VAL B 331 14.27 -15.15 19.91
N SER B 332 14.29 -14.22 18.97
CA SER B 332 15.41 -13.31 18.81
C SER B 332 15.01 -12.09 17.97
N SER B 333 15.64 -10.97 18.25
CA SER B 333 15.40 -9.74 17.49
C SER B 333 16.65 -9.32 16.75
N THR B 334 16.59 -9.36 15.42
CA THR B 334 17.71 -8.96 14.59
C THR B 334 17.78 -7.43 14.48
N LYS B 335 16.74 -6.76 15.00
CA LYS B 335 16.75 -5.31 15.10
C LYS B 335 17.81 -4.85 16.08
N SER B 336 18.29 -5.77 16.91
CA SER B 336 19.41 -5.51 17.81
C SER B 336 20.66 -5.14 17.01
N MET B 337 20.71 -5.60 15.77
CA MET B 337 21.86 -5.36 14.90
C MET B 337 21.53 -4.48 13.69
N THR B 338 20.31 -4.61 13.18
CA THR B 338 19.94 -3.88 11.97
C THR B 338 19.28 -2.55 12.26
N GLY B 339 18.72 -2.42 13.46
CA GLY B 339 17.83 -1.31 13.75
C GLY B 339 16.47 -1.63 13.16
N HIS B 340 15.55 -0.67 13.18
CA HIS B 340 14.20 -0.91 12.72
C HIS B 340 13.99 -0.32 11.33
N LEU B 341 13.84 -1.19 10.33
CA LEU B 341 13.80 -0.77 8.94
C LEU B 341 12.39 -0.39 8.47
N LEU B 342 11.48 -0.24 9.43
CA LEU B 342 10.14 0.22 9.13
C LEU B 342 9.49 -0.71 8.11
N GLY B 343 9.05 -0.13 7.00
CA GLY B 343 8.36 -0.87 5.96
C GLY B 343 9.20 -1.99 5.36
N ALA B 344 10.51 -1.92 5.57
CA ALA B 344 11.43 -2.91 5.04
C ALA B 344 11.76 -3.98 6.06
N ALA B 345 11.37 -3.74 7.32
CA ALA B 345 11.67 -4.65 8.41
C ALA B 345 11.11 -6.05 8.16
N GLY B 346 9.85 -6.11 7.73
CA GLY B 346 9.21 -7.37 7.43
C GLY B 346 9.88 -8.09 6.28
N GLY B 347 10.49 -7.32 5.39
CA GLY B 347 11.19 -7.88 4.24
C GLY B 347 12.46 -8.59 4.63
N VAL B 348 13.38 -7.87 5.27
CA VAL B 348 14.68 -8.42 5.62
C VAL B 348 14.57 -9.51 6.69
N GLU B 349 13.56 -9.42 7.55
CA GLU B 349 13.42 -10.38 8.64
C GLU B 349 12.73 -11.66 8.17
N ALA B 350 12.05 -11.58 7.03
CA ALA B 350 11.55 -12.77 6.37
C ALA B 350 12.72 -13.54 5.78
N VAL B 351 13.65 -12.79 5.18
CA VAL B 351 14.88 -13.37 4.65
C VAL B 351 15.66 -14.08 5.74
N TYR B 352 15.84 -13.41 6.87
CA TYR B 352 16.60 -13.95 7.99
C TYR B 352 15.94 -15.20 8.56
N SER B 353 14.61 -15.20 8.60
CA SER B 353 13.85 -16.35 9.11
C SER B 353 14.00 -17.56 8.20
N ILE B 354 13.97 -17.30 6.90
CA ILE B 354 14.14 -18.35 5.90
C ILE B 354 15.54 -18.95 5.96
N LEU B 355 16.54 -18.08 6.11
CA LEU B 355 17.93 -18.53 6.22
C LEU B 355 18.17 -19.33 7.49
N ALA B 356 17.42 -19.00 8.54
CA ALA B 356 17.48 -19.76 9.79
C ALA B 356 17.08 -21.20 9.55
N ILE B 357 15.98 -21.37 8.80
CA ILE B 357 15.49 -22.70 8.44
C ILE B 357 16.47 -23.41 7.51
N HIS B 358 16.96 -22.68 6.51
CA HIS B 358 17.83 -23.23 5.48
C HIS B 358 19.17 -23.71 6.05
N ASP B 359 19.82 -22.86 6.84
CA ASP B 359 21.14 -23.16 7.36
C ASP B 359 21.15 -23.79 8.75
N GLY B 360 19.99 -23.83 9.38
CA GLY B 360 19.88 -24.39 10.72
C GLY B 360 20.67 -23.59 11.74
N LYS B 361 20.43 -22.29 11.77
CA LYS B 361 21.14 -21.38 12.67
C LYS B 361 20.22 -20.26 13.15
N ILE B 362 20.46 -19.79 14.37
CA ILE B 362 19.64 -18.73 14.95
C ILE B 362 20.47 -17.49 15.27
N PRO B 363 20.16 -16.36 14.61
CA PRO B 363 20.85 -15.11 14.90
C PRO B 363 20.49 -14.58 16.28
N PRO B 364 21.46 -13.98 16.99
CA PRO B 364 21.25 -13.57 18.38
C PRO B 364 20.57 -12.22 18.55
N THR B 365 19.98 -12.02 19.73
CA THR B 365 19.63 -10.68 20.19
C THR B 365 20.82 -10.14 20.96
N ILE B 366 21.61 -9.29 20.33
CA ILE B 366 22.79 -8.76 21.00
C ILE B 366 22.42 -7.64 21.96
N ASN B 367 23.39 -7.21 22.76
CA ASN B 367 23.22 -6.13 23.73
C ASN B 367 22.24 -6.45 24.85
N ILE B 368 22.10 -7.72 25.20
CA ILE B 368 21.34 -8.09 26.38
C ILE B 368 22.31 -8.22 27.56
N PHE B 369 22.48 -7.13 28.28
CA PHE B 369 23.41 -7.07 29.41
C PHE B 369 22.73 -7.51 30.70
N GLU B 370 21.54 -6.99 30.92
CA GLU B 370 20.70 -7.41 32.04
C GLU B 370 19.26 -7.57 31.55
N GLN B 371 18.87 -8.81 31.27
CA GLN B 371 17.54 -9.09 30.74
C GLN B 371 16.46 -8.60 31.70
N ASP B 372 15.46 -7.92 31.15
CA ASP B 372 14.45 -7.25 31.95
C ASP B 372 13.38 -8.23 32.44
N VAL B 373 13.78 -9.13 33.32
CA VAL B 373 12.87 -10.14 33.87
C VAL B 373 11.78 -9.49 34.73
N GLU B 374 12.10 -8.38 35.38
CA GLU B 374 11.16 -7.70 36.25
C GLU B 374 9.95 -7.15 35.47
N ALA B 375 10.14 -6.87 34.19
CA ALA B 375 9.04 -6.41 33.35
C ALA B 375 8.33 -7.58 32.68
N GLY B 376 8.79 -8.79 32.97
CA GLY B 376 8.17 -9.99 32.46
C GLY B 376 8.89 -10.58 31.25
N CYS B 377 10.00 -9.95 30.86
CA CYS B 377 10.78 -10.42 29.73
C CYS B 377 11.71 -11.56 30.15
N ASP B 378 11.14 -12.75 30.28
CA ASP B 378 11.86 -13.89 30.84
C ASP B 378 11.94 -15.08 29.89
N LEU B 379 11.76 -14.84 28.60
CA LEU B 379 11.84 -15.91 27.61
C LEU B 379 13.29 -16.12 27.17
N ASP B 380 13.48 -17.01 26.21
CA ASP B 380 14.81 -17.25 25.65
C ASP B 380 14.97 -16.41 24.39
N TYR B 381 15.70 -15.31 24.50
CA TYR B 381 15.86 -14.38 23.39
C TYR B 381 17.17 -14.61 22.64
N CYS B 382 17.75 -15.80 22.79
CA CYS B 382 19.01 -16.15 22.14
C CYS B 382 20.06 -15.07 22.39
N ALA B 383 20.26 -14.73 23.66
CA ALA B 383 21.05 -13.55 23.98
C ALA B 383 22.52 -13.67 23.65
N ASN B 384 23.00 -12.74 22.82
CA ASN B 384 24.39 -12.34 22.75
C ASN B 384 25.27 -13.25 21.89
N GLU B 385 24.76 -14.40 21.52
CA GLU B 385 25.48 -15.28 20.61
C GLU B 385 24.54 -16.17 19.80
N ALA B 386 24.97 -16.47 18.59
CA ALA B 386 24.18 -17.29 17.68
C ALA B 386 24.17 -18.75 18.10
N ARG B 387 23.21 -19.52 17.58
CA ARG B 387 23.10 -20.93 17.89
C ARG B 387 22.86 -21.80 16.67
N ASP B 388 23.49 -22.97 16.64
CA ASP B 388 23.11 -24.02 15.73
C ASP B 388 21.84 -24.67 16.25
N ALA B 389 20.86 -24.87 15.37
CA ALA B 389 19.61 -25.49 15.76
C ALA B 389 18.86 -26.01 14.54
N GLU B 390 18.20 -27.15 14.68
CA GLU B 390 17.37 -27.66 13.60
C GLU B 390 16.02 -26.97 13.62
N ILE B 391 15.80 -26.10 12.64
CA ILE B 391 14.59 -25.30 12.59
C ILE B 391 13.63 -25.81 11.51
N ASP B 392 12.56 -26.46 11.94
CA ASP B 392 11.56 -26.99 11.01
C ASP B 392 10.51 -25.94 10.68
N VAL B 393 10.09 -25.20 11.71
CA VAL B 393 9.10 -24.14 11.55
C VAL B 393 9.55 -22.85 12.21
N ALA B 394 9.47 -21.75 11.46
CA ALA B 394 9.81 -20.44 12.01
C ALA B 394 8.73 -19.43 11.65
N ILE B 395 8.41 -18.56 12.60
CA ILE B 395 7.50 -17.46 12.30
C ILE B 395 8.22 -16.14 12.46
N SER B 396 7.73 -15.12 11.75
CA SER B 396 8.27 -13.78 11.87
C SER B 396 7.14 -12.80 12.14
N ASN B 397 7.28 -12.01 13.20
CA ASN B 397 6.22 -11.11 13.63
C ASN B 397 6.51 -9.64 13.33
N SER B 398 5.46 -8.91 12.99
CA SER B 398 5.55 -7.47 12.80
C SER B 398 4.32 -6.80 13.40
N PHE B 399 4.55 -5.94 14.38
CA PHE B 399 3.46 -5.24 15.06
C PHE B 399 3.67 -3.74 14.91
N GLY B 400 2.97 -3.15 13.94
CA GLY B 400 3.27 -1.79 13.51
C GLY B 400 2.31 -0.69 13.92
N PHE B 401 2.74 0.54 13.69
CA PHE B 401 1.97 1.74 14.01
C PHE B 401 0.60 1.69 13.33
N GLY B 402 -0.42 2.14 14.04
CA GLY B 402 -1.79 2.00 13.60
C GLY B 402 -2.35 0.69 14.11
N GLY B 403 -1.55 0.02 14.93
CA GLY B 403 -1.95 -1.24 15.53
C GLY B 403 -2.21 -2.35 14.53
N THR B 404 -1.45 -2.36 13.44
CA THR B 404 -1.61 -3.38 12.41
C THR B 404 -0.59 -4.50 12.57
N ASN B 405 -1.08 -5.73 12.65
CA ASN B 405 -0.23 -6.88 12.96
C ASN B 405 -0.18 -7.90 11.83
N GLY B 406 0.99 -8.47 11.61
CA GLY B 406 1.18 -9.49 10.60
C GLY B 406 2.16 -10.56 11.02
N THR B 407 1.80 -11.82 10.83
CA THR B 407 2.68 -12.94 11.15
C THR B 407 2.81 -13.87 9.96
N LEU B 408 4.06 -14.18 9.61
CA LEU B 408 4.33 -15.12 8.53
C LEU B 408 4.82 -16.44 9.12
N VAL B 409 4.37 -17.55 8.55
CA VAL B 409 4.82 -18.87 9.00
C VAL B 409 5.59 -19.58 7.90
N PHE B 410 6.88 -19.81 8.12
CA PHE B 410 7.70 -20.51 7.15
C PHE B 410 7.99 -21.94 7.62
N LYS B 411 8.11 -22.86 6.68
CA LYS B 411 8.33 -24.26 6.99
C LYS B 411 9.39 -24.85 6.06
N ARG B 412 10.23 -25.74 6.59
CA ARG B 412 11.23 -26.42 5.78
C ARG B 412 10.51 -27.30 4.75
N PHE B 413 11.04 -27.30 3.53
CA PHE B 413 10.42 -28.06 2.45
C PHE B 413 11.14 -29.37 2.18
N LYS B 414 10.37 -30.40 1.84
CA LYS B 414 10.93 -31.72 1.57
C LYS B 414 10.38 -32.31 0.27
K K C . -12.94 3.85 -13.45
C FMT D . -14.79 24.27 -26.52
O1 FMT D . -13.87 23.71 -27.09
O2 FMT D . -14.68 24.86 -25.45
C FMT E . -4.04 28.95 -18.99
O1 FMT E . -3.15 29.33 -18.23
O2 FMT E . -5.00 29.77 -19.38
K K F . 10.12 -10.12 12.68
C FMT G . 13.83 13.32 -7.16
O1 FMT G . 13.81 12.32 -7.88
O2 FMT G . 13.49 14.50 -7.64
#